data_6F2P
#
_entry.id   6F2P
#
_cell.length_a   100.610
_cell.length_b   100.610
_cell.length_c   324.830
_cell.angle_alpha   90.00
_cell.angle_beta   90.00
_cell.angle_gamma   90.00
#
_symmetry.space_group_name_H-M   'P 43 21 2'
#
loop_
_entity.id
_entity.type
_entity.pdbx_description
1 polymer 'Paenibacillus xanthan lyase'
2 non-polymer 'CALCIUM ION'
3 non-polymer 'CHLORIDE ION'
4 non-polymer 2-[BIS-(2-HYDROXY-ETHYL)-AMINO]-2-HYDROXYMETHYL-PROPANE-1,3-DIOL
5 non-polymer (4R)-2-METHYLPENTANE-2,4-DIOL
6 non-polymer (4S)-2-METHYL-2,4-PENTANEDIOL
7 water water
#
_entity_poly.entity_id   1
_entity_poly.type   'polypeptide(L)'
_entity_poly.pdbx_seq_one_letter_code
;PRADEFDTLREKYKAMLNGGTTYNLSDPDIAARVNAITVTAQGYWDSMLKDPNRNRLWNDAPFGSDSTSITTTYRHLYDM
ALAYTTYGSSLQGNAALKADIISGLDWMNANQFYNGCSQYQNWWHWQIGGPMALNDIVALMYTELTATQISNYMAAIYYT
QASVTMTGANRLWESQVIAISGILNKDSARVAAGRDGISALLPYVAKGDGFYNDGSFVQHTYYAYNGGYGSELLSGIADL
IFILNGSSWQVTDPNKNNVYRWIYDSYEPFIYKGNLMDMVRGREISRHGLQDDKAAVTVMASIIRLSQTAASADATAFKR
MVKYWLLLDTDKTFLKAVSIDLIIAANQLVNDSTVTSRGELVKYKQFSGMDRAVQLRPGFGFGLSMFSSRIGNYESINAE
NNKGWHTGDGMTYLYNTDLSQFNDHFWATVDNYRLPGTTVLQNTTQTANSRSDKSWAGGTDILGQYGVSGMELHTVGKSL
TAKKSWFMFDDEIVALGSGIASTDGIATETIVENRKLNSSGNNALIVNGTAKPGSLGWSETMTGTNYIHLAGSVPGSDIG
YYFPGGAAVKGLREARSGSWSSLNSSASWKDSTLHTRNFMTLWFDHGMNPTNGSYSYVLLPNKTSSAVASYAATPQISIL
ENSSSAQAVKETQLNVTGINFWNDEPTTVGLVTSNRKASVMTKETASDFEISVSDPTQSNVGTIYIDVNKSATGLISKDN
EITVIQYYPTMKFKVNVNNSGGKSYKVKFSLTGTPGSNPSPIPIPNPYEAEALPINALTDTPVVYNDANASGGKKLGFNN
NAVDDYVEFSLDVTQPGTYDVKSRIMKSTNSGIYQLSINGTNVGSAQDMFWTTSELSKEFTMGSYSFTSPGSYLFRLKTT
GKNVSSSGYKLMLDNFSLVSTGIDTTVIVDNADAAGVTKVGTWTGTNTQTDRYGADYIHDGNTGKGTKSVTFTPNVPISG
TYQVYMMWAAHTNRATNVPVDVTHSGGTATLNVNQQGNGGVWNLLGTYSFNAGSTGAIKIRTDATNGYVVADAVKLVKVP
;
_entity_poly.pdbx_strand_id   A
#
# COMPACT_ATOMS: atom_id res chain seq x y z
N PRO A 1 -41.13 26.98 4.28
CA PRO A 1 -40.67 27.51 2.99
C PRO A 1 -40.74 29.05 2.89
N ARG A 2 -39.62 29.67 2.50
CA ARG A 2 -39.41 31.14 2.50
C ARG A 2 -39.30 31.79 3.89
N ALA A 3 -39.80 31.08 4.90
CA ALA A 3 -39.62 31.46 6.28
C ALA A 3 -39.46 30.20 7.08
N ASP A 4 -40.51 29.37 7.10
CA ASP A 4 -40.58 28.31 8.08
C ASP A 4 -39.64 27.13 7.86
N GLU A 5 -39.26 26.81 6.63
CA GLU A 5 -38.30 25.73 6.46
C GLU A 5 -36.93 26.19 6.94
N PHE A 6 -36.61 27.44 6.63
CA PHE A 6 -35.42 28.08 7.17
C PHE A 6 -35.48 28.16 8.69
N ASP A 7 -36.63 28.58 9.22
CA ASP A 7 -36.81 28.65 10.67
C ASP A 7 -36.54 27.31 11.32
N THR A 8 -36.96 26.24 10.66
CA THR A 8 -36.82 24.90 11.21
C THR A 8 -35.36 24.47 11.25
N LEU A 9 -34.65 24.75 10.16
CA LEU A 9 -33.24 24.42 10.07
C LEU A 9 -32.45 25.25 11.08
N ARG A 10 -32.70 26.56 11.08
CA ARG A 10 -32.03 27.47 12.00
C ARG A 10 -32.18 27.02 13.46
N GLU A 11 -33.35 26.50 13.81
CA GLU A 11 -33.60 26.05 15.17
C GLU A 11 -32.86 24.77 15.45
N LYS A 12 -32.77 23.93 14.43
CA LYS A 12 -32.00 22.69 14.52
C LYS A 12 -30.53 23.00 14.76
N TYR A 13 -30.01 24.00 14.04
CA TYR A 13 -28.60 24.39 14.13
C TYR A 13 -28.29 25.00 15.48
N LYS A 14 -29.15 25.90 15.90
CA LYS A 14 -29.00 26.58 17.18
C LYS A 14 -28.97 25.53 18.30
N ALA A 15 -29.88 24.57 18.22
CA ALA A 15 -29.87 23.46 19.18
C ALA A 15 -28.56 22.65 19.17
N MET A 16 -27.88 22.58 18.03
CA MET A 16 -26.56 21.94 18.00
C MET A 16 -25.55 22.81 18.76
N LEU A 17 -25.67 24.12 18.58
CA LEU A 17 -24.80 25.07 19.26
C LEU A 17 -25.00 25.09 20.78
N ASN A 18 -26.26 25.14 21.24
CA ASN A 18 -26.49 25.36 22.67
C ASN A 18 -27.15 24.21 23.43
N GLY A 19 -27.48 23.12 22.75
CA GLY A 19 -28.01 21.95 23.41
C GLY A 19 -29.53 21.85 23.45
N GLY A 20 -30.21 22.89 22.97
CA GLY A 20 -31.67 22.87 22.90
C GLY A 20 -32.31 23.75 23.93
N THR A 21 -33.64 23.81 23.91
CA THR A 21 -34.40 24.71 24.77
C THR A 21 -34.38 24.27 26.23
N THR A 22 -34.25 22.98 26.43
CA THR A 22 -34.33 22.42 27.77
C THR A 22 -33.58 21.11 27.82
N TYR A 23 -33.02 20.80 28.99
CA TYR A 23 -32.31 19.53 29.21
C TYR A 23 -32.06 19.28 30.70
N ASN A 24 -31.67 18.06 31.03
CA ASN A 24 -31.50 17.66 32.43
C ASN A 24 -30.28 18.32 33.11
N LEU A 25 -30.53 19.38 33.88
CA LEU A 25 -29.43 20.05 34.57
C LEU A 25 -28.87 19.25 35.74
N SER A 26 -29.53 18.13 36.08
CA SER A 26 -29.04 17.26 37.15
C SER A 26 -27.97 16.29 36.64
N ASP A 27 -27.90 16.20 35.32
CA ASP A 27 -26.79 15.53 34.64
C ASP A 27 -25.54 16.35 34.90
N PRO A 28 -24.62 15.82 35.73
CA PRO A 28 -23.44 16.58 36.17
C PRO A 28 -22.56 16.98 35.01
N ASP A 29 -22.57 16.16 33.96
CA ASP A 29 -21.82 16.46 32.76
C ASP A 29 -22.35 17.71 32.08
N ILE A 30 -23.67 17.79 31.93
CA ILE A 30 -24.31 19.01 31.42
C ILE A 30 -24.04 20.20 32.34
N ALA A 31 -24.17 19.99 33.64
CA ALA A 31 -23.96 21.05 34.62
C ALA A 31 -22.56 21.66 34.53
N ALA A 32 -21.55 20.80 34.43
CA ALA A 32 -20.18 21.23 34.31
C ALA A 32 -19.98 22.10 33.06
N ARG A 33 -20.62 21.69 31.97
CA ARG A 33 -20.48 22.42 30.71
C ARG A 33 -21.15 23.79 30.79
N VAL A 34 -22.34 23.83 31.38
CA VAL A 34 -23.08 25.08 31.56
C VAL A 34 -22.26 26.08 32.35
N ASN A 35 -21.72 25.63 33.47
CA ASN A 35 -20.82 26.46 34.25
C ASN A 35 -19.63 26.94 33.43
N ALA A 36 -18.94 26.03 32.76
CA ALA A 36 -17.80 26.37 31.92
C ALA A 36 -18.18 27.44 30.89
N ILE A 37 -19.33 27.27 30.27
CA ILE A 37 -19.85 28.26 29.31
C ILE A 37 -20.06 29.62 29.95
N THR A 38 -20.67 29.61 31.15
CA THR A 38 -20.95 30.84 31.88
C THR A 38 -19.66 31.57 32.25
N VAL A 39 -18.73 30.84 32.85
CA VAL A 39 -17.47 31.42 33.30
C VAL A 39 -16.70 32.06 32.14
N THR A 40 -16.59 31.33 31.03
CA THR A 40 -15.90 31.82 29.84
C THR A 40 -16.52 33.13 29.34
N ALA A 41 -17.85 33.15 29.25
CA ALA A 41 -18.54 34.35 28.81
C ALA A 41 -18.27 35.52 29.75
N GLN A 42 -18.36 35.29 31.06
CA GLN A 42 -18.09 36.37 32.02
C GLN A 42 -16.68 36.89 31.80
N GLY A 43 -15.75 35.97 31.50
CA GLY A 43 -14.38 36.36 31.23
C GLY A 43 -14.23 37.41 30.14
N TYR A 44 -14.76 37.10 28.96
CA TYR A 44 -14.61 37.99 27.81
C TYR A 44 -15.48 39.21 27.95
N TRP A 45 -16.57 39.10 28.72
CA TRP A 45 -17.44 40.23 28.98
C TRP A 45 -16.66 41.23 29.85
N ASP A 46 -15.96 40.69 30.83
CA ASP A 46 -15.17 41.50 31.74
C ASP A 46 -14.04 42.22 31.02
N SER A 47 -13.38 41.54 30.10
CA SER A 47 -12.23 42.14 29.41
C SER A 47 -12.66 42.97 28.20
N MET A 48 -13.95 43.00 27.92
CA MET A 48 -14.40 43.68 26.71
C MET A 48 -14.25 45.20 26.79
N LEU A 49 -13.81 45.80 25.68
CA LEU A 49 -13.84 47.24 25.52
C LEU A 49 -15.25 47.66 25.07
N LYS A 50 -15.91 48.49 25.88
CA LYS A 50 -17.33 48.74 25.71
C LYS A 50 -17.75 50.12 25.24
N ASP A 51 -16.81 51.06 25.14
CA ASP A 51 -17.20 52.46 24.93
C ASP A 51 -17.16 52.94 23.48
N PRO A 52 -18.03 53.91 23.14
CA PRO A 52 -18.23 54.37 21.76
C PRO A 52 -16.93 54.69 21.01
N ASN A 53 -15.97 55.25 21.74
CA ASN A 53 -14.70 55.66 21.16
C ASN A 53 -13.74 54.51 20.84
N ARG A 54 -14.05 53.29 21.30
CA ARG A 54 -13.15 52.15 21.15
C ARG A 54 -12.63 51.92 19.73
N ASN A 55 -11.47 51.26 19.64
CA ASN A 55 -10.80 51.00 18.37
C ASN A 55 -10.73 49.51 18.07
N ARG A 56 -11.22 48.72 19.03
CA ARG A 56 -11.17 47.26 18.99
C ARG A 56 -12.18 46.85 20.05
N LEU A 57 -12.50 45.57 20.16
CA LEU A 57 -13.43 45.12 21.20
C LEU A 57 -12.72 44.42 22.35
N TRP A 58 -11.54 43.88 22.06
CA TRP A 58 -10.68 43.31 23.08
C TRP A 58 -9.25 43.69 22.73
N ASN A 59 -8.41 43.83 23.74
CA ASN A 59 -7.01 44.18 23.50
C ASN A 59 -6.23 43.03 22.89
N ASP A 60 -6.66 41.81 23.14
CA ASP A 60 -5.96 40.66 22.63
C ASP A 60 -6.28 40.45 21.16
N ALA A 61 -7.04 41.39 20.60
CA ALA A 61 -7.42 41.33 19.20
C ALA A 61 -7.41 42.71 18.58
N PRO A 62 -6.21 43.31 18.47
CA PRO A 62 -6.08 44.66 17.90
C PRO A 62 -6.30 44.65 16.39
N PHE A 63 -6.79 45.74 15.83
CA PHE A 63 -7.10 45.77 14.41
C PHE A 63 -6.10 46.56 13.57
N GLY A 64 -6.19 46.36 12.27
CA GLY A 64 -5.45 47.18 11.32
C GLY A 64 -4.46 46.40 10.48
N SER A 65 -3.82 45.39 11.07
CA SER A 65 -2.71 44.74 10.39
C SER A 65 -2.68 43.22 10.54
N ASP A 66 -3.30 42.70 11.59
CA ASP A 66 -3.43 41.25 11.76
C ASP A 66 -4.89 40.81 11.68
N SER A 67 -5.22 40.05 10.62
CA SER A 67 -6.61 39.68 10.36
C SER A 67 -7.14 38.61 11.34
N THR A 68 -6.23 37.98 12.09
CA THR A 68 -6.63 37.02 13.12
C THR A 68 -7.58 37.67 14.11
N SER A 69 -7.41 38.96 14.34
CA SER A 69 -8.26 39.70 15.26
C SER A 69 -9.74 39.62 14.88
N ILE A 70 -10.01 39.50 13.59
CA ILE A 70 -11.40 39.29 13.12
C ILE A 70 -12.00 38.03 13.76
N THR A 71 -11.32 36.90 13.59
CA THR A 71 -11.80 35.63 14.10
C THR A 71 -11.88 35.65 15.63
N THR A 72 -10.82 36.18 16.24
CA THR A 72 -10.71 36.20 17.70
C THR A 72 -11.86 36.99 18.32
N THR A 73 -12.13 38.15 17.74
CA THR A 73 -13.21 39.00 18.23
C THR A 73 -14.54 38.27 18.16
N TYR A 74 -14.83 37.67 16.99
CA TYR A 74 -16.11 37.00 16.80
C TYR A 74 -16.23 35.74 17.65
N ARG A 75 -15.12 35.06 17.91
CA ARG A 75 -15.18 33.93 18.82
C ARG A 75 -15.52 34.38 20.24
N HIS A 76 -14.91 35.48 20.68
CA HIS A 76 -15.22 36.05 21.98
C HIS A 76 -16.70 36.40 22.07
N LEU A 77 -17.20 37.14 21.07
CA LEU A 77 -18.64 37.42 20.95
C LEU A 77 -19.50 36.15 20.95
N TYR A 78 -19.05 35.13 20.23
CA TYR A 78 -19.79 33.87 20.24
C TYR A 78 -19.92 33.28 21.63
N ASP A 79 -18.82 33.29 22.39
CA ASP A 79 -18.83 32.69 23.73
C ASP A 79 -19.87 33.37 24.60
N MET A 80 -19.95 34.70 24.49
CA MET A 80 -20.90 35.49 25.26
C MET A 80 -22.33 35.16 24.83
N ALA A 81 -22.54 35.18 23.52
CA ALA A 81 -23.83 34.78 22.95
C ALA A 81 -24.26 33.39 23.40
N LEU A 82 -23.28 32.48 23.53
CA LEU A 82 -23.57 31.13 23.96
C LEU A 82 -24.16 31.09 25.37
N ALA A 83 -23.48 31.74 26.31
CA ALA A 83 -23.99 31.79 27.68
C ALA A 83 -25.34 32.51 27.70
N TYR A 84 -25.44 33.56 26.90
CA TYR A 84 -26.68 34.32 26.81
C TYR A 84 -27.88 33.43 26.50
N THR A 85 -27.66 32.40 25.69
CA THR A 85 -28.75 31.55 25.21
C THR A 85 -28.75 30.15 25.80
N THR A 86 -27.84 29.89 26.73
CA THR A 86 -27.71 28.56 27.30
C THR A 86 -28.67 28.34 28.47
N TYR A 87 -29.58 27.40 28.29
CA TYR A 87 -30.48 26.97 29.34
C TYR A 87 -29.68 26.54 30.55
N GLY A 88 -29.94 27.17 31.69
CA GLY A 88 -29.30 26.81 32.93
C GLY A 88 -28.19 27.76 33.30
N SER A 89 -27.78 28.59 32.35
CA SER A 89 -26.70 29.53 32.57
C SER A 89 -27.19 30.72 33.40
N SER A 90 -26.39 31.13 34.39
CA SER A 90 -26.79 32.25 35.24
C SER A 90 -26.76 33.55 34.45
N LEU A 91 -26.28 33.48 33.22
CA LEU A 91 -26.24 34.63 32.34
C LEU A 91 -27.31 34.54 31.26
N GLN A 92 -28.14 33.51 31.31
CA GLN A 92 -29.15 33.36 30.25
C GLN A 92 -30.14 34.52 30.27
N GLY A 93 -30.32 35.15 29.12
CA GLY A 93 -31.30 36.20 28.98
C GLY A 93 -30.86 37.55 29.54
N ASN A 94 -29.64 37.61 30.06
CA ASN A 94 -29.10 38.84 30.62
C ASN A 94 -29.15 40.01 29.63
N ALA A 95 -29.86 41.08 30.01
CA ALA A 95 -30.12 42.17 29.08
C ALA A 95 -28.90 43.01 28.77
N ALA A 96 -28.05 43.20 29.78
CA ALA A 96 -26.83 43.98 29.60
C ALA A 96 -25.87 43.21 28.70
N LEU A 97 -25.76 41.90 28.94
CA LEU A 97 -24.97 41.02 28.08
C LEU A 97 -25.44 41.10 26.63
N LYS A 98 -26.75 40.92 26.43
CA LYS A 98 -27.38 41.07 25.12
C LYS A 98 -26.96 42.36 24.43
N ALA A 99 -27.10 43.47 25.15
CA ALA A 99 -26.79 44.79 24.59
C ALA A 99 -25.32 44.88 24.18
N ASP A 100 -24.44 44.33 25.01
CA ASP A 100 -23.01 44.40 24.73
C ASP A 100 -22.62 43.53 23.54
N ILE A 101 -23.26 42.37 23.44
CA ILE A 101 -23.06 41.51 22.30
C ILE A 101 -23.46 42.23 21.02
N ILE A 102 -24.67 42.79 21.01
CA ILE A 102 -25.21 43.38 19.79
C ILE A 102 -24.46 44.63 19.36
N SER A 103 -24.07 45.46 20.34
CA SER A 103 -23.27 46.65 20.07
C SER A 103 -21.94 46.23 19.46
N GLY A 104 -21.36 45.16 20.01
CA GLY A 104 -20.15 44.58 19.45
C GLY A 104 -20.33 44.24 17.98
N LEU A 105 -21.43 43.57 17.65
CA LEU A 105 -21.69 43.17 16.26
C LEU A 105 -21.83 44.39 15.35
N ASP A 106 -22.55 45.39 15.83
CA ASP A 106 -22.77 46.58 15.03
C ASP A 106 -21.51 47.40 14.89
N TRP A 107 -20.68 47.35 15.90
CA TRP A 107 -19.39 48.01 15.83
C TRP A 107 -18.53 47.36 14.75
N MET A 108 -18.48 46.03 14.79
CA MET A 108 -17.71 45.29 13.78
C MET A 108 -18.23 45.65 12.41
N ASN A 109 -19.55 45.76 12.28
CA ASN A 109 -20.15 46.08 10.99
C ASN A 109 -19.82 47.48 10.52
N ALA A 110 -19.46 48.35 11.46
CA ALA A 110 -19.19 49.74 11.13
C ALA A 110 -17.71 49.99 10.89
N ASN A 111 -16.87 49.08 11.37
CA ASN A 111 -15.45 49.40 11.47
C ASN A 111 -14.50 48.39 10.84
N GLN A 112 -14.84 47.12 10.94
CA GLN A 112 -13.93 46.06 10.55
C GLN A 112 -14.48 45.06 9.53
N PHE A 113 -15.65 44.50 9.82
CA PHE A 113 -16.19 43.39 9.04
C PHE A 113 -17.56 43.72 8.45
N TYR A 114 -17.57 44.05 7.17
CA TYR A 114 -18.77 44.52 6.51
C TYR A 114 -18.63 44.41 5.00
N ASN A 115 -19.76 44.44 4.32
CA ASN A 115 -19.76 44.41 2.87
C ASN A 115 -18.98 45.57 2.27
N GLY A 116 -17.80 45.27 1.74
CA GLY A 116 -16.97 46.26 1.08
C GLY A 116 -15.69 46.56 1.85
N CYS A 117 -15.55 45.94 3.02
CA CYS A 117 -14.41 46.20 3.89
C CYS A 117 -13.08 45.79 3.27
N SER A 118 -12.01 46.32 3.83
CA SER A 118 -10.67 45.95 3.37
C SER A 118 -10.27 44.64 4.02
N GLN A 119 -9.82 43.68 3.22
CA GLN A 119 -9.42 42.39 3.75
C GLN A 119 -7.92 42.28 3.83
N TYR A 120 -7.34 43.00 4.78
CA TYR A 120 -5.90 43.11 4.89
C TYR A 120 -5.30 41.84 5.44
N GLN A 121 -4.03 41.62 5.12
CA GLN A 121 -3.29 40.46 5.59
C GLN A 121 -3.95 39.11 5.21
N ASN A 122 -4.11 38.24 6.21
CA ASN A 122 -4.46 36.84 5.97
C ASN A 122 -5.92 36.58 5.56
N TRP A 123 -6.09 35.95 4.41
CA TRP A 123 -7.41 35.78 3.79
C TRP A 123 -8.35 34.92 4.62
N TRP A 124 -7.77 33.93 5.29
CA TRP A 124 -8.56 32.90 5.96
C TRP A 124 -9.54 33.48 6.99
N HIS A 125 -9.10 34.51 7.71
CA HIS A 125 -9.94 35.08 8.76
C HIS A 125 -11.13 35.86 8.19
N TRP A 126 -10.97 36.41 6.99
CA TRP A 126 -12.05 37.13 6.34
C TRP A 126 -13.08 36.18 5.74
N GLN A 127 -12.61 35.11 5.12
CA GLN A 127 -13.49 34.26 4.32
C GLN A 127 -14.04 33.04 5.06
N ILE A 128 -13.41 32.66 6.16
CA ILE A 128 -13.80 31.45 6.85
C ILE A 128 -13.95 31.63 8.36
N GLY A 129 -12.85 32.00 9.03
CA GLY A 129 -12.84 32.10 10.48
C GLY A 129 -13.88 33.05 11.03
N GLY A 130 -13.91 34.24 10.45
CA GLY A 130 -14.88 35.26 10.83
C GLY A 130 -16.31 34.89 10.53
N PRO A 131 -16.62 34.62 9.24
CA PRO A 131 -18.01 34.27 8.87
C PRO A 131 -18.53 33.08 9.68
N MET A 132 -17.67 32.10 9.93
CA MET A 132 -18.06 30.91 10.68
C MET A 132 -18.54 31.28 12.07
N ALA A 133 -17.80 32.18 12.72
CA ALA A 133 -18.14 32.58 14.08
C ALA A 133 -19.31 33.56 14.07
N LEU A 134 -19.33 34.43 13.05
CA LEU A 134 -20.43 35.36 12.87
C LEU A 134 -21.74 34.60 12.60
N ASN A 135 -21.68 33.58 11.75
CA ASN A 135 -22.84 32.72 11.50
C ASN A 135 -23.40 32.15 12.80
N ASP A 136 -22.50 31.69 13.65
CA ASP A 136 -22.92 31.05 14.89
C ASP A 136 -23.57 32.05 15.84
N ILE A 137 -22.96 33.22 15.99
CA ILE A 137 -23.52 34.28 16.80
C ILE A 137 -24.93 34.60 16.33
N VAL A 138 -25.06 34.91 15.05
CA VAL A 138 -26.35 35.23 14.47
C VAL A 138 -27.37 34.11 14.67
N ALA A 139 -26.92 32.86 14.64
CA ALA A 139 -27.84 31.75 14.85
C ALA A 139 -28.44 31.83 16.26
N LEU A 140 -27.59 32.06 17.25
CA LEU A 140 -28.04 32.14 18.63
C LEU A 140 -28.90 33.38 18.90
N MET A 141 -28.52 34.50 18.30
CA MET A 141 -29.07 35.79 18.67
C MET A 141 -30.18 36.27 17.73
N TYR A 142 -30.53 35.41 16.78
CA TYR A 142 -31.46 35.73 15.69
C TYR A 142 -32.72 36.49 16.11
N THR A 143 -33.45 35.93 17.06
CA THR A 143 -34.71 36.51 17.53
C THR A 143 -34.53 37.86 18.24
N GLU A 144 -33.29 38.18 18.61
CA GLU A 144 -33.01 39.41 19.31
C GLU A 144 -32.48 40.48 18.36
N LEU A 145 -32.44 40.14 17.08
CA LEU A 145 -31.86 41.03 16.07
C LEU A 145 -32.93 41.62 15.17
N THR A 146 -32.67 42.80 14.61
CA THR A 146 -33.55 43.34 13.59
C THR A 146 -33.23 42.72 12.24
N ALA A 147 -34.13 42.90 11.28
CA ALA A 147 -33.91 42.41 9.92
C ALA A 147 -32.73 43.14 9.34
N THR A 148 -32.59 44.41 9.72
CA THR A 148 -31.55 45.24 9.15
C THR A 148 -30.19 44.78 9.66
N GLN A 149 -30.13 44.40 10.94
CA GLN A 149 -28.91 43.85 11.50
C GLN A 149 -28.53 42.52 10.83
N ILE A 150 -29.49 41.63 10.71
CA ILE A 150 -29.26 40.33 10.08
C ILE A 150 -28.81 40.49 8.62
N SER A 151 -29.46 41.41 7.92
CA SER A 151 -29.09 41.75 6.56
C SER A 151 -27.64 42.21 6.45
N ASN A 152 -27.24 43.14 7.32
CA ASN A 152 -25.89 43.68 7.33
C ASN A 152 -24.84 42.60 7.57
N TYR A 153 -25.03 41.82 8.63
CA TYR A 153 -24.08 40.78 8.99
C TYR A 153 -23.95 39.76 7.85
N MET A 154 -25.07 39.39 7.22
CA MET A 154 -25.05 38.42 6.13
C MET A 154 -24.41 39.02 4.88
N ALA A 155 -24.67 40.30 4.63
CA ALA A 155 -24.09 40.98 3.48
C ALA A 155 -22.57 40.96 3.55
N ALA A 156 -22.05 41.01 4.77
CA ALA A 156 -20.61 40.96 4.97
C ALA A 156 -20.08 39.58 4.60
N ILE A 157 -20.77 38.54 5.06
CA ILE A 157 -20.36 37.17 4.76
C ILE A 157 -20.45 36.85 3.27
N TYR A 158 -21.55 37.21 2.61
CA TYR A 158 -21.65 37.07 1.16
C TYR A 158 -20.48 37.78 0.46
N TYR A 159 -20.05 38.90 1.02
CA TYR A 159 -18.97 39.68 0.44
C TYR A 159 -17.64 38.94 0.51
N THR A 160 -17.25 38.51 1.70
CA THR A 160 -16.00 37.79 1.86
C THR A 160 -16.05 36.35 1.37
N GLN A 161 -17.22 35.72 1.44
CA GLN A 161 -17.35 34.30 1.06
C GLN A 161 -18.48 34.09 0.08
N ALA A 162 -18.21 34.37 -1.20
CA ALA A 162 -19.26 34.43 -2.22
C ALA A 162 -19.61 33.11 -2.87
N SER A 163 -18.59 32.27 -3.08
CA SER A 163 -18.81 31.00 -3.78
C SER A 163 -17.79 29.96 -3.33
N VAL A 164 -18.03 28.72 -3.71
CA VAL A 164 -17.10 27.63 -3.44
C VAL A 164 -16.13 27.48 -4.60
N THR A 165 -14.84 27.65 -4.35
CA THR A 165 -13.86 27.50 -5.43
C THR A 165 -12.62 26.71 -5.02
N MET A 166 -12.46 26.51 -3.72
CA MET A 166 -11.23 25.96 -3.19
C MET A 166 -11.26 24.45 -3.09
N THR A 167 -10.23 23.88 -2.45
CA THR A 167 -10.09 22.43 -2.36
C THR A 167 -10.01 21.98 -0.92
N GLY A 168 -10.13 20.68 -0.71
CA GLY A 168 -10.02 20.08 0.60
C GLY A 168 -10.80 20.76 1.71
N ALA A 169 -10.16 20.97 2.85
CA ALA A 169 -10.82 21.56 4.01
C ALA A 169 -11.30 23.01 3.79
N ASN A 170 -10.59 23.78 2.97
CA ASN A 170 -11.07 25.12 2.68
C ASN A 170 -12.39 25.06 1.96
N ARG A 171 -12.51 24.06 1.08
CA ARG A 171 -13.71 23.93 0.28
C ARG A 171 -14.87 23.55 1.18
N LEU A 172 -14.61 22.68 2.14
CA LEU A 172 -15.60 22.29 3.12
C LEU A 172 -16.09 23.52 3.89
N TRP A 173 -15.14 24.28 4.39
CA TRP A 173 -15.46 25.46 5.18
C TRP A 173 -16.18 26.51 4.35
N GLU A 174 -15.78 26.65 3.10
CA GLU A 174 -16.53 27.49 2.17
C GLU A 174 -17.99 27.04 2.20
N SER A 175 -18.18 25.73 2.09
CA SER A 175 -19.51 25.15 1.97
C SER A 175 -20.31 25.34 3.23
N GLN A 176 -19.72 25.08 4.39
CA GLN A 176 -20.40 25.34 5.66
C GLN A 176 -20.82 26.80 5.81
N VAL A 177 -19.88 27.71 5.53
CA VAL A 177 -20.11 29.14 5.68
C VAL A 177 -21.24 29.57 4.77
N ILE A 178 -21.17 29.09 3.53
CA ILE A 178 -22.17 29.43 2.53
C ILE A 178 -23.53 28.85 2.89
N ALA A 179 -23.56 27.60 3.31
CA ALA A 179 -24.80 26.96 3.70
C ALA A 179 -25.44 27.64 4.91
N ILE A 180 -24.65 27.97 5.91
CA ILE A 180 -25.26 28.50 7.12
C ILE A 180 -25.73 29.94 6.90
N SER A 181 -24.95 30.74 6.18
CA SER A 181 -25.42 32.07 5.87
C SER A 181 -26.72 32.01 5.05
N GLY A 182 -26.79 31.09 4.10
CA GLY A 182 -28.00 30.90 3.33
C GLY A 182 -29.21 30.64 4.21
N ILE A 183 -29.07 29.74 5.17
CA ILE A 183 -30.15 29.41 6.09
C ILE A 183 -30.57 30.64 6.92
N LEU A 184 -29.58 31.34 7.45
CA LEU A 184 -29.83 32.53 8.24
C LEU A 184 -30.44 33.64 7.41
N ASN A 185 -30.00 33.76 6.16
CA ASN A 185 -30.48 34.83 5.28
C ASN A 185 -31.68 34.41 4.43
N LYS A 186 -32.20 33.21 4.70
CA LYS A 186 -33.36 32.68 3.99
C LYS A 186 -33.20 32.74 2.47
N ASP A 187 -32.08 32.20 1.99
CA ASP A 187 -31.68 32.29 0.60
C ASP A 187 -31.47 30.86 0.05
N SER A 188 -32.54 30.25 -0.46
CA SER A 188 -32.48 28.86 -0.95
C SER A 188 -31.33 28.60 -1.91
N ALA A 189 -31.13 29.50 -2.87
CA ALA A 189 -30.04 29.35 -3.83
C ALA A 189 -28.68 29.25 -3.11
N ARG A 190 -28.51 30.06 -2.08
CA ARG A 190 -27.26 30.11 -1.34
C ARG A 190 -27.06 28.82 -0.54
N VAL A 191 -28.12 28.30 0.05
CA VAL A 191 -28.04 27.02 0.77
C VAL A 191 -27.70 25.89 -0.20
N ALA A 192 -28.31 25.92 -1.38
CA ALA A 192 -28.09 24.86 -2.35
C ALA A 192 -26.64 24.88 -2.80
N ALA A 193 -26.07 26.09 -2.93
CA ALA A 193 -24.68 26.21 -3.34
C ALA A 193 -23.81 25.64 -2.22
N GLY A 194 -24.26 25.82 -0.98
CA GLY A 194 -23.54 25.26 0.15
C GLY A 194 -23.54 23.75 0.09
N ARG A 195 -24.73 23.17 -0.08
CA ARG A 195 -24.90 21.74 -0.20
C ARG A 195 -24.02 21.17 -1.32
N ASP A 196 -23.98 21.87 -2.45
CA ASP A 196 -23.27 21.33 -3.61
C ASP A 196 -21.76 21.39 -3.44
N GLY A 197 -21.29 22.27 -2.56
CA GLY A 197 -19.86 22.49 -2.42
C GLY A 197 -19.09 21.27 -1.95
N ILE A 198 -19.73 20.41 -1.16
CA ILE A 198 -19.01 19.25 -0.63
C ILE A 198 -18.91 18.03 -1.56
N SER A 199 -19.68 18.01 -2.65
CA SER A 199 -19.69 16.84 -3.53
C SER A 199 -18.28 16.48 -4.03
N ALA A 200 -17.52 17.46 -4.46
CA ALA A 200 -16.17 17.22 -4.94
C ALA A 200 -15.25 16.59 -3.90
N LEU A 201 -15.66 16.61 -2.63
CA LEU A 201 -14.86 16.03 -1.55
C LEU A 201 -15.20 14.56 -1.28
N LEU A 202 -16.29 14.10 -1.88
CA LEU A 202 -16.81 12.76 -1.60
C LEU A 202 -16.16 11.55 -2.29
N PRO A 203 -15.77 11.66 -3.58
CA PRO A 203 -15.30 10.45 -4.26
C PRO A 203 -14.02 9.87 -3.66
N TYR A 204 -13.79 8.58 -3.88
CA TYR A 204 -12.52 7.96 -3.51
C TYR A 204 -11.44 8.39 -4.50
N VAL A 205 -10.18 8.25 -4.09
CA VAL A 205 -9.06 8.53 -4.97
C VAL A 205 -8.07 7.37 -4.97
N ALA A 206 -7.18 7.33 -5.95
CA ALA A 206 -6.19 6.26 -6.04
C ALA A 206 -4.78 6.82 -5.96
N LYS A 207 -4.69 8.13 -5.94
CA LYS A 207 -3.43 8.84 -5.73
C LYS A 207 -3.74 10.26 -5.24
N GLY A 208 -2.76 10.92 -4.64
CA GLY A 208 -2.93 12.28 -4.17
C GLY A 208 -3.91 12.42 -3.01
N ASP A 209 -4.45 13.62 -2.82
CA ASP A 209 -5.28 13.91 -1.66
C ASP A 209 -6.64 13.24 -1.66
N GLY A 210 -7.01 12.68 -0.52
CA GLY A 210 -8.37 12.21 -0.30
C GLY A 210 -8.45 10.88 0.43
N PHE A 211 -9.65 10.29 0.42
CA PHE A 211 -9.87 8.96 0.96
C PHE A 211 -9.67 7.88 -0.10
N TYR A 212 -9.03 6.78 0.29
CA TYR A 212 -8.77 5.67 -0.60
C TYR A 212 -9.70 4.50 -0.23
N ASN A 213 -10.03 3.65 -1.21
CA ASN A 213 -10.85 2.48 -0.92
C ASN A 213 -10.26 1.54 0.13
N ASP A 214 -8.94 1.53 0.26
CA ASP A 214 -8.29 0.66 1.24
C ASP A 214 -8.34 1.23 2.65
N GLY A 215 -8.90 2.43 2.78
CA GLY A 215 -9.05 3.05 4.08
C GLY A 215 -8.08 4.18 4.34
N SER A 216 -7.09 4.33 3.47
CA SER A 216 -6.09 5.40 3.60
C SER A 216 -6.73 6.77 3.42
N PHE A 217 -6.18 7.76 4.10
CA PHE A 217 -6.41 9.15 3.76
C PHE A 217 -5.06 9.84 3.58
N VAL A 218 -4.91 10.54 2.47
CA VAL A 218 -3.68 11.27 2.19
C VAL A 218 -4.00 12.73 1.98
N GLN A 219 -3.18 13.60 2.56
CA GLN A 219 -3.32 15.03 2.35
C GLN A 219 -1.92 15.61 2.24
N HIS A 220 -1.82 16.81 1.67
CA HIS A 220 -0.53 17.40 1.31
C HIS A 220 0.25 16.47 0.41
N THR A 221 -0.51 15.76 -0.42
CA THR A 221 0.00 14.93 -1.50
C THR A 221 0.67 13.62 -1.08
N TYR A 222 1.43 13.62 0.01
CA TYR A 222 2.24 12.46 0.37
C TYR A 222 2.19 12.00 1.83
N TYR A 223 1.16 12.40 2.57
CA TYR A 223 1.17 12.13 4.01
C TYR A 223 -0.08 11.41 4.51
N ALA A 224 0.13 10.42 5.37
CA ALA A 224 -0.95 9.72 6.02
C ALA A 224 -1.65 10.71 6.94
N TYR A 225 -2.94 10.94 6.73
CA TYR A 225 -3.60 12.04 7.42
C TYR A 225 -5.04 11.82 7.88
N ASN A 226 -5.44 10.57 8.12
CA ASN A 226 -6.78 10.29 8.62
C ASN A 226 -7.09 11.10 9.87
N GLY A 227 -6.12 11.16 10.77
CA GLY A 227 -6.31 11.83 12.06
C GLY A 227 -6.21 13.34 12.00
N GLY A 228 -5.56 13.87 10.97
CA GLY A 228 -5.44 15.31 10.83
C GLY A 228 -6.52 15.96 9.98
N TYR A 229 -6.21 16.13 8.70
CA TYR A 229 -7.14 16.75 7.77
C TYR A 229 -8.40 15.93 7.58
N GLY A 230 -8.25 14.62 7.41
CA GLY A 230 -9.38 13.76 7.13
C GLY A 230 -10.40 13.84 8.24
N SER A 231 -9.88 13.95 9.46
CA SER A 231 -10.69 14.11 10.63
C SER A 231 -11.58 15.37 10.51
N GLU A 232 -11.00 16.49 10.13
CA GLU A 232 -11.81 17.71 9.99
C GLU A 232 -12.78 17.66 8.81
N LEU A 233 -12.43 16.98 7.71
CA LEU A 233 -13.39 16.78 6.64
C LEU A 233 -14.56 15.97 7.14
N LEU A 234 -14.28 14.82 7.77
CA LEU A 234 -15.33 13.98 8.34
C LEU A 234 -16.27 14.79 9.22
N SER A 235 -15.71 15.68 10.03
CA SER A 235 -16.52 16.46 10.96
C SER A 235 -17.50 17.38 10.25
N GLY A 236 -16.97 18.26 9.39
CA GLY A 236 -17.79 19.19 8.65
C GLY A 236 -18.84 18.55 7.76
N ILE A 237 -18.45 17.47 7.08
CA ILE A 237 -19.39 16.75 6.23
C ILE A 237 -20.49 16.06 7.03
N ALA A 238 -20.12 15.40 8.14
CA ALA A 238 -21.13 14.79 8.98
C ALA A 238 -22.09 15.84 9.54
N ASP A 239 -21.58 17.05 9.78
CA ASP A 239 -22.43 18.09 10.32
C ASP A 239 -23.36 18.65 9.25
N LEU A 240 -22.82 18.90 8.06
CA LEU A 240 -23.64 19.40 6.96
C LEU A 240 -24.75 18.41 6.59
N ILE A 241 -24.41 17.14 6.54
CA ILE A 241 -25.40 16.10 6.27
C ILE A 241 -26.51 16.14 7.32
N PHE A 242 -26.12 16.23 8.59
CA PHE A 242 -27.07 16.22 9.69
C PHE A 242 -28.03 17.42 9.65
N ILE A 243 -27.48 18.60 9.42
CA ILE A 243 -28.29 19.83 9.38
C ILE A 243 -29.29 19.81 8.22
N LEU A 244 -28.78 19.49 7.04
CA LEU A 244 -29.57 19.56 5.82
C LEU A 244 -30.53 18.39 5.69
N ASN A 245 -30.29 17.35 6.47
CA ASN A 245 -31.01 16.09 6.35
C ASN A 245 -32.52 16.22 6.49
N GLY A 246 -33.25 15.73 5.50
CA GLY A 246 -34.69 15.81 5.52
C GLY A 246 -35.24 17.05 4.83
N SER A 247 -34.37 18.02 4.57
CA SER A 247 -34.78 19.30 4.00
C SER A 247 -34.69 19.33 2.49
N SER A 248 -35.22 20.40 1.91
CA SER A 248 -35.17 20.60 0.48
C SER A 248 -33.73 20.60 -0.04
N TRP A 249 -32.78 20.93 0.81
CA TRP A 249 -31.39 21.04 0.40
C TRP A 249 -30.54 19.92 0.98
N GLN A 250 -31.19 18.84 1.37
CA GLN A 250 -30.48 17.69 1.91
C GLN A 250 -29.50 17.14 0.88
N VAL A 251 -28.51 16.40 1.38
CA VAL A 251 -27.47 15.89 0.50
C VAL A 251 -28.03 14.68 -0.24
N THR A 252 -27.97 14.73 -1.56
CA THR A 252 -28.55 13.66 -2.38
C THR A 252 -27.48 12.86 -3.12
N ASP A 253 -26.29 13.43 -3.26
CA ASP A 253 -25.18 12.80 -3.96
C ASP A 253 -25.01 11.36 -3.47
N PRO A 254 -25.04 10.37 -4.39
CA PRO A 254 -24.95 8.98 -3.93
C PRO A 254 -23.64 8.69 -3.22
N ASN A 255 -22.62 9.46 -3.57
CA ASN A 255 -21.31 9.35 -2.91
C ASN A 255 -21.34 9.64 -1.40
N LYS A 256 -22.44 10.21 -0.91
CA LYS A 256 -22.56 10.47 0.52
C LYS A 256 -22.42 9.20 1.34
N ASN A 257 -22.75 8.06 0.72
N ASN A 257 -22.77 8.05 0.74
CA ASN A 257 -22.67 6.80 1.41
CA ASN A 257 -22.62 6.76 1.42
C ASN A 257 -21.20 6.39 1.69
C ASN A 257 -21.18 6.49 1.78
N ASN A 258 -20.27 7.01 0.96
CA ASN A 258 -18.84 6.84 1.21
C ASN A 258 -18.45 7.36 2.59
N VAL A 259 -19.13 8.41 3.03
CA VAL A 259 -18.88 9.01 4.33
C VAL A 259 -19.18 8.01 5.44
N TYR A 260 -20.18 7.17 5.25
CA TYR A 260 -20.48 6.14 6.24
C TYR A 260 -19.41 5.05 6.21
N ARG A 261 -18.98 4.68 5.01
CA ARG A 261 -17.92 3.70 4.86
C ARG A 261 -16.63 4.16 5.53
N TRP A 262 -16.35 5.47 5.45
CA TRP A 262 -15.13 6.05 6.02
C TRP A 262 -14.94 5.63 7.47
N ILE A 263 -16.06 5.60 8.21
CA ILE A 263 -16.03 5.15 9.59
C ILE A 263 -15.49 3.73 9.72
N TYR A 264 -16.03 2.78 8.95
CA TYR A 264 -15.57 1.40 9.03
C TYR A 264 -14.14 1.26 8.51
N ASP A 265 -13.81 1.99 7.46
CA ASP A 265 -12.53 1.82 6.79
C ASP A 265 -11.43 2.76 7.28
N SER A 266 -11.77 4.00 7.57
CA SER A 266 -10.74 4.99 7.84
C SER A 266 -10.67 5.50 9.28
N TYR A 267 -11.64 5.12 10.11
CA TYR A 267 -11.64 5.63 11.49
C TYR A 267 -11.68 4.58 12.58
N GLU A 268 -12.64 3.67 12.50
CA GLU A 268 -12.73 2.58 13.48
C GLU A 268 -11.40 1.82 13.69
N PRO A 269 -10.67 1.51 12.61
CA PRO A 269 -9.44 0.77 12.89
C PRO A 269 -8.38 1.62 13.61
N PHE A 270 -8.53 2.94 13.54
CA PHE A 270 -7.53 3.83 14.09
C PHE A 270 -7.90 4.40 15.44
N ILE A 271 -9.03 3.98 15.98
CA ILE A 271 -9.37 4.36 17.34
C ILE A 271 -9.19 3.17 18.25
N TYR A 272 -8.15 3.25 19.08
CA TYR A 272 -7.94 2.19 20.04
C TYR A 272 -8.37 2.67 21.41
N LYS A 273 -9.50 2.15 21.88
CA LYS A 273 -10.01 2.48 23.21
C LYS A 273 -9.97 3.98 23.53
N GLY A 274 -10.38 4.79 22.58
CA GLY A 274 -10.50 6.23 22.78
C GLY A 274 -9.30 7.01 22.32
N ASN A 275 -8.32 6.30 21.77
CA ASN A 275 -7.10 6.93 21.28
C ASN A 275 -7.02 6.88 19.76
N LEU A 276 -7.00 8.05 19.13
CA LEU A 276 -6.82 8.10 17.68
C LEU A 276 -5.34 7.92 17.44
N MET A 277 -4.97 6.90 16.68
CA MET A 277 -3.56 6.54 16.50
C MET A 277 -2.72 7.67 15.90
N ASP A 278 -1.64 8.02 16.58
CA ASP A 278 -0.80 9.15 16.19
C ASP A 278 -0.17 9.01 14.80
N MET A 279 -0.01 7.78 14.33
CA MET A 279 0.66 7.56 13.07
C MET A 279 -0.14 8.08 11.87
N VAL A 280 -1.43 8.32 12.06
CA VAL A 280 -2.24 8.92 11.00
C VAL A 280 -2.59 10.37 11.26
N ARG A 281 -1.95 10.99 12.27
CA ARG A 281 -2.29 12.36 12.63
C ARG A 281 -1.29 13.38 12.10
N GLY A 282 -0.34 12.91 11.29
CA GLY A 282 0.65 13.78 10.70
C GLY A 282 1.31 14.73 11.68
N ARG A 283 1.40 16.00 11.30
CA ARG A 283 2.12 16.98 12.12
C ARG A 283 1.41 17.28 13.44
N GLU A 284 0.18 16.81 13.59
CA GLU A 284 -0.62 17.14 14.76
C GLU A 284 -0.21 16.42 16.03
N ILE A 285 0.77 15.51 15.93
CA ILE A 285 1.24 14.82 17.12
C ILE A 285 2.00 15.80 18.00
N SER A 286 2.33 16.95 17.43
CA SER A 286 3.05 18.00 18.16
C SER A 286 2.15 19.04 18.82
N ARG A 287 0.85 18.78 18.88
CA ARG A 287 -0.06 19.72 19.54
C ARG A 287 -0.44 19.23 20.93
N HIS A 288 -0.02 19.95 21.96
CA HIS A 288 -0.21 19.51 23.33
C HIS A 288 -1.68 19.37 23.70
N GLY A 289 -2.51 20.23 23.13
CA GLY A 289 -3.93 20.21 23.43
C GLY A 289 -4.67 19.21 22.57
N LEU A 290 -3.93 18.51 21.72
CA LEU A 290 -4.55 17.61 20.77
C LEU A 290 -3.82 16.27 20.71
N GLN A 291 -3.54 15.72 21.89
CA GLN A 291 -2.95 14.40 21.99
C GLN A 291 -3.97 13.33 21.60
N ASP A 292 -3.50 12.10 21.39
CA ASP A 292 -4.32 11.05 20.77
C ASP A 292 -5.73 10.84 21.36
N ASP A 293 -5.85 10.90 22.68
CA ASP A 293 -7.16 10.76 23.31
C ASP A 293 -8.07 11.96 23.06
N LYS A 294 -7.48 13.16 23.01
CA LYS A 294 -8.27 14.35 22.68
C LYS A 294 -8.61 14.37 21.19
N ALA A 295 -7.68 13.87 20.37
CA ALA A 295 -7.87 13.87 18.92
C ALA A 295 -9.01 12.96 18.50
N ALA A 296 -9.29 11.97 19.34
CA ALA A 296 -10.32 10.97 19.05
C ALA A 296 -11.71 11.55 19.18
N VAL A 297 -11.82 12.62 19.96
CA VAL A 297 -13.12 13.18 20.33
C VAL A 297 -13.96 13.66 19.14
N THR A 298 -13.33 14.38 18.22
CA THR A 298 -14.03 14.90 17.05
C THR A 298 -14.58 13.75 16.17
N VAL A 299 -13.85 12.63 16.15
CA VAL A 299 -14.26 11.49 15.35
C VAL A 299 -15.46 10.79 15.99
N MET A 300 -15.37 10.56 17.30
CA MET A 300 -16.48 9.98 18.04
C MET A 300 -17.73 10.85 17.87
N ALA A 301 -17.54 12.16 17.87
CA ALA A 301 -18.64 13.11 17.71
C ALA A 301 -19.21 12.99 16.32
N SER A 302 -18.34 12.86 15.34
CA SER A 302 -18.77 12.74 13.95
C SER A 302 -19.55 11.45 13.74
N ILE A 303 -19.15 10.39 14.44
CA ILE A 303 -19.81 9.10 14.29
C ILE A 303 -21.22 9.13 14.86
N ILE A 304 -21.36 9.81 16.00
CA ILE A 304 -22.66 10.06 16.60
C ILE A 304 -23.57 10.85 15.66
N ARG A 305 -23.01 11.89 15.04
CA ARG A 305 -23.75 12.67 14.07
C ARG A 305 -24.15 11.83 12.87
N LEU A 306 -23.24 10.97 12.43
CA LEU A 306 -23.55 10.11 11.29
C LEU A 306 -24.61 9.05 11.61
N SER A 307 -24.66 8.58 12.84
CA SER A 307 -25.66 7.60 13.23
C SER A 307 -27.07 8.21 13.19
N GLN A 308 -27.15 9.52 13.38
CA GLN A 308 -28.44 10.20 13.34
C GLN A 308 -28.99 10.30 11.91
N THR A 309 -28.15 10.10 10.91
CA THR A 309 -28.62 10.17 9.53
C THR A 309 -28.39 8.87 8.74
N ALA A 310 -27.70 7.92 9.35
CA ALA A 310 -27.33 6.67 8.70
C ALA A 310 -28.52 5.72 8.55
N ALA A 311 -28.38 4.73 7.66
CA ALA A 311 -29.35 3.66 7.54
C ALA A 311 -29.31 2.79 8.79
N SER A 312 -30.39 2.06 9.03
CA SER A 312 -30.56 1.26 10.25
C SER A 312 -29.32 0.47 10.68
N ALA A 313 -28.80 -0.34 9.77
CA ALA A 313 -27.66 -1.20 10.05
C ALA A 313 -26.47 -0.39 10.53
N ASP A 314 -26.11 0.65 9.77
CA ASP A 314 -24.98 1.51 10.10
C ASP A 314 -25.17 2.28 11.41
N ALA A 315 -26.35 2.87 11.58
CA ALA A 315 -26.64 3.63 12.77
C ALA A 315 -26.43 2.75 14.00
N THR A 316 -26.86 1.50 13.88
CA THR A 316 -26.71 0.53 14.97
C THR A 316 -25.24 0.28 15.23
N ALA A 317 -24.50 -0.01 14.17
CA ALA A 317 -23.07 -0.29 14.26
C ALA A 317 -22.30 0.89 14.84
N PHE A 318 -22.67 2.09 14.40
CA PHE A 318 -22.05 3.31 14.89
C PHE A 318 -22.30 3.52 16.38
N LYS A 319 -23.53 3.30 16.82
CA LYS A 319 -23.86 3.52 18.23
C LYS A 319 -23.12 2.51 19.09
N ARG A 320 -22.90 1.32 18.55
CA ARG A 320 -22.28 0.25 19.32
C ARG A 320 -20.81 0.55 19.56
N MET A 321 -20.13 1.04 18.54
CA MET A 321 -18.71 1.29 18.71
C MET A 321 -18.47 2.52 19.60
N VAL A 322 -19.27 3.57 19.40
CA VAL A 322 -19.18 4.75 20.25
C VAL A 322 -19.50 4.41 21.72
N LYS A 323 -20.51 3.58 21.95
CA LYS A 323 -20.82 3.18 23.31
C LYS A 323 -19.63 2.52 23.97
N TYR A 324 -19.04 1.54 23.26
CA TYR A 324 -17.83 0.85 23.70
C TYR A 324 -16.77 1.81 24.18
N TRP A 325 -16.45 2.79 23.34
CA TRP A 325 -15.43 3.76 23.66
C TRP A 325 -15.82 4.69 24.82
N LEU A 326 -17.10 5.00 24.95
CA LEU A 326 -17.54 5.92 26.00
C LEU A 326 -17.48 5.23 27.35
N LEU A 327 -17.82 3.95 27.37
CA LEU A 327 -17.77 3.15 28.58
C LEU A 327 -16.33 3.00 29.09
N LEU A 328 -15.37 3.07 28.17
CA LEU A 328 -13.98 2.94 28.53
C LEU A 328 -13.45 4.25 29.06
N ASP A 329 -14.12 5.34 28.69
CA ASP A 329 -13.66 6.69 28.99
C ASP A 329 -14.00 7.11 30.43
N THR A 330 -13.40 6.39 31.38
CA THR A 330 -13.65 6.58 32.81
C THR A 330 -13.37 7.99 33.30
N ASP A 331 -12.44 8.69 32.67
CA ASP A 331 -12.13 10.06 33.07
C ASP A 331 -12.84 11.11 32.21
N LYS A 332 -13.85 10.64 31.46
CA LYS A 332 -14.74 11.52 30.70
C LYS A 332 -14.04 12.51 29.74
N THR A 333 -13.00 12.03 29.08
CA THR A 333 -12.33 12.79 28.02
C THR A 333 -13.35 13.38 27.05
N PHE A 334 -14.24 12.52 26.52
CA PHE A 334 -15.27 12.97 25.59
C PHE A 334 -16.28 13.94 26.22
N LEU A 335 -16.93 13.52 27.31
CA LEU A 335 -18.00 14.33 27.94
C LEU A 335 -17.54 15.71 28.40
N LYS A 336 -16.27 15.80 28.81
CA LYS A 336 -15.75 17.08 29.27
C LYS A 336 -15.29 17.99 28.14
N ALA A 337 -15.34 17.47 26.91
CA ALA A 337 -14.79 18.22 25.77
C ALA A 337 -15.85 18.75 24.80
N VAL A 338 -16.97 18.06 24.68
CA VAL A 338 -17.96 18.39 23.66
C VAL A 338 -19.08 19.29 24.16
N SER A 339 -19.93 19.70 23.23
CA SER A 339 -21.03 20.59 23.53
C SER A 339 -22.13 19.85 24.30
N ILE A 340 -23.08 20.61 24.83
CA ILE A 340 -24.16 20.02 25.60
C ILE A 340 -24.94 19.06 24.73
N ASP A 341 -25.22 19.48 23.50
CA ASP A 341 -25.94 18.66 22.54
C ASP A 341 -25.35 17.26 22.44
N LEU A 342 -24.04 17.20 22.30
CA LEU A 342 -23.35 15.92 22.20
C LEU A 342 -23.31 15.18 23.54
N ILE A 343 -23.25 15.92 24.65
CA ILE A 343 -23.30 15.31 25.96
C ILE A 343 -24.62 14.56 26.10
N ILE A 344 -25.69 15.22 25.65
CA ILE A 344 -27.02 14.63 25.68
C ILE A 344 -27.04 13.37 24.83
N ALA A 345 -26.59 13.49 23.58
CA ALA A 345 -26.55 12.36 22.67
C ALA A 345 -25.69 11.22 23.22
N ALA A 346 -24.52 11.57 23.74
CA ALA A 346 -23.59 10.57 24.28
C ALA A 346 -24.17 9.85 25.48
N ASN A 347 -24.75 10.61 26.40
CA ASN A 347 -25.31 10.01 27.61
C ASN A 347 -26.54 9.17 27.33
N GLN A 348 -27.39 9.65 26.44
CA GLN A 348 -28.59 8.90 26.06
C GLN A 348 -28.17 7.53 25.54
N LEU A 349 -27.10 7.54 24.77
CA LEU A 349 -26.54 6.35 24.17
C LEU A 349 -26.00 5.35 25.19
N VAL A 350 -25.27 5.81 26.20
CA VAL A 350 -24.72 4.89 27.19
C VAL A 350 -25.78 4.43 28.20
N ASN A 351 -26.93 5.10 28.19
CA ASN A 351 -28.00 4.76 29.11
C ASN A 351 -29.06 3.89 28.45
N ASP A 352 -28.95 3.80 27.13
CA ASP A 352 -29.86 2.99 26.32
C ASP A 352 -29.42 1.54 26.35
N SER A 353 -30.21 0.68 26.99
CA SER A 353 -29.88 -0.74 27.09
C SER A 353 -30.15 -1.50 25.80
N THR A 354 -30.95 -0.91 24.91
CA THR A 354 -31.21 -1.54 23.61
C THR A 354 -30.00 -1.39 22.69
N VAL A 355 -28.99 -0.67 23.16
CA VAL A 355 -27.72 -0.59 22.45
C VAL A 355 -26.65 -1.28 23.29
N THR A 356 -26.05 -2.32 22.74
CA THR A 356 -24.98 -3.02 23.44
C THR A 356 -23.62 -2.56 22.93
N SER A 357 -22.65 -2.45 23.84
CA SER A 357 -21.25 -2.22 23.47
C SER A 357 -20.78 -3.14 22.33
N ARG A 358 -20.01 -2.59 21.39
CA ARG A 358 -19.48 -3.39 20.27
C ARG A 358 -18.51 -4.45 20.74
N GLY A 359 -17.72 -4.10 21.75
CA GLY A 359 -16.70 -4.99 22.24
C GLY A 359 -15.37 -4.74 21.56
N GLU A 360 -14.40 -5.57 21.90
CA GLU A 360 -13.08 -5.51 21.29
C GLU A 360 -13.18 -5.84 19.80
N LEU A 361 -12.52 -5.03 18.97
CA LEU A 361 -12.45 -5.26 17.54
C LEU A 361 -11.19 -6.07 17.23
N VAL A 362 -11.33 -7.10 16.39
CA VAL A 362 -10.22 -7.96 16.02
C VAL A 362 -10.12 -8.05 14.51
N LYS A 363 -9.03 -7.52 13.94
CA LYS A 363 -8.80 -7.58 12.49
C LYS A 363 -7.42 -7.04 12.15
N TYR A 364 -6.91 -7.48 11.01
CA TYR A 364 -5.69 -6.90 10.43
C TYR A 364 -6.10 -6.09 9.21
N LYS A 365 -5.39 -4.98 8.95
CA LYS A 365 -5.72 -4.15 7.80
C LYS A 365 -4.50 -3.43 7.23
N GLN A 366 -4.23 -3.66 5.96
CA GLN A 366 -3.11 -2.99 5.28
C GLN A 366 -3.57 -1.73 4.55
N PHE A 367 -2.99 -0.60 4.92
CA PHE A 367 -3.31 0.67 4.30
C PHE A 367 -2.23 1.04 3.28
N SER A 368 -2.30 0.37 2.13
CA SER A 368 -1.29 0.50 1.09
C SER A 368 -1.20 1.90 0.49
N GLY A 369 -2.29 2.64 0.57
CA GLY A 369 -2.33 3.99 0.00
C GLY A 369 -1.58 5.03 0.81
N MET A 370 -1.21 4.69 2.05
CA MET A 370 -0.48 5.62 2.88
C MET A 370 0.63 4.96 3.70
N ASP A 371 1.12 3.82 3.22
CA ASP A 371 2.19 3.09 3.90
C ASP A 371 1.96 2.90 5.39
N ARG A 372 0.79 2.37 5.76
CA ARG A 372 0.46 2.11 7.15
C ARG A 372 -0.16 0.73 7.31
N ALA A 373 -0.11 0.20 8.51
CA ALA A 373 -0.71 -1.10 8.80
C ALA A 373 -1.21 -1.13 10.25
N VAL A 374 -2.29 -1.87 10.48
CA VAL A 374 -2.84 -2.03 11.82
C VAL A 374 -3.15 -3.49 12.11
N GLN A 375 -2.67 -3.96 13.26
CA GLN A 375 -3.01 -5.28 13.75
C GLN A 375 -3.81 -5.14 15.03
N LEU A 376 -5.04 -5.62 15.02
CA LEU A 376 -5.89 -5.59 16.20
C LEU A 376 -6.20 -7.03 16.62
N ARG A 377 -5.72 -7.40 17.79
CA ARG A 377 -5.90 -8.72 18.35
C ARG A 377 -6.57 -8.58 19.71
N PRO A 378 -7.09 -9.69 20.25
CA PRO A 378 -7.59 -9.59 21.62
C PRO A 378 -6.47 -9.28 22.60
N GLY A 379 -6.55 -8.13 23.27
CA GLY A 379 -5.56 -7.76 24.26
C GLY A 379 -4.62 -6.64 23.83
N PHE A 380 -4.45 -6.43 22.52
CA PHE A 380 -3.56 -5.37 22.06
C PHE A 380 -3.86 -4.85 20.66
N GLY A 381 -3.34 -3.66 20.38
CA GLY A 381 -3.40 -3.08 19.04
C GLY A 381 -1.99 -2.75 18.64
N PHE A 382 -1.72 -2.79 17.35
CA PHE A 382 -0.37 -2.57 16.85
C PHE A 382 -0.44 -1.71 15.61
N GLY A 383 0.23 -0.57 15.64
CA GLY A 383 0.26 0.32 14.51
C GLY A 383 1.63 0.29 13.88
N LEU A 384 1.69 0.40 12.56
CA LEU A 384 2.97 0.35 11.86
C LEU A 384 3.10 1.52 10.92
N SER A 385 4.18 2.30 11.10
CA SER A 385 4.36 3.54 10.36
C SER A 385 5.59 3.53 9.45
N MET A 386 5.36 3.56 8.15
CA MET A 386 6.42 3.47 7.18
C MET A 386 6.41 4.66 6.24
N PHE A 387 7.43 4.74 5.39
CA PHE A 387 7.39 5.64 4.26
C PHE A 387 8.17 5.08 3.08
N SER A 388 7.93 5.63 1.90
CA SER A 388 8.48 5.08 0.67
C SER A 388 8.74 6.21 -0.30
N SER A 389 8.87 5.87 -1.58
CA SER A 389 8.98 6.89 -2.60
C SER A 389 7.60 7.45 -2.95
N ARG A 390 6.57 6.94 -2.29
CA ARG A 390 5.21 7.43 -2.51
C ARG A 390 4.70 8.28 -1.34
N ILE A 391 5.23 8.01 -0.15
CA ILE A 391 4.75 8.62 1.08
C ILE A 391 5.91 9.23 1.85
N GLY A 392 5.73 10.48 2.29
CA GLY A 392 6.78 11.22 2.98
C GLY A 392 7.06 10.73 4.39
N ASN A 393 8.30 10.91 4.84
CA ASN A 393 8.73 10.42 6.15
C ASN A 393 7.89 11.02 7.28
N TYR A 394 7.85 12.34 7.36
CA TYR A 394 6.94 13.04 8.26
C TYR A 394 6.75 14.45 7.76
N GLU A 395 5.74 15.14 8.28
CA GLU A 395 5.52 16.51 7.88
C GLU A 395 5.90 17.48 8.98
N SER A 396 6.71 18.47 8.62
CA SER A 396 6.97 19.58 9.50
C SER A 396 6.88 20.87 8.71
N ILE A 397 5.84 21.65 9.00
CA ILE A 397 5.73 23.00 8.45
C ILE A 397 5.32 23.95 9.56
N ASN A 398 5.54 25.25 9.32
CA ASN A 398 5.19 26.30 10.28
C ASN A 398 5.63 25.99 11.70
N ALA A 399 6.81 25.40 11.83
CA ALA A 399 7.42 25.15 13.14
C ALA A 399 6.57 24.21 13.97
N GLU A 400 5.88 23.30 13.27
CA GLU A 400 5.13 22.23 13.92
C GLU A 400 5.81 20.89 13.67
N ASN A 401 5.66 19.98 14.63
CA ASN A 401 6.21 18.63 14.53
C ASN A 401 7.73 18.68 14.27
N ASN A 402 8.42 19.51 15.03
CA ASN A 402 9.83 19.79 14.77
C ASN A 402 10.74 18.61 15.05
N LYS A 403 10.34 17.77 16.00
CA LYS A 403 11.15 16.59 16.37
C LYS A 403 10.59 15.28 15.78
N GLY A 404 9.87 15.36 14.67
CA GLY A 404 9.23 14.19 14.11
C GLY A 404 10.13 13.37 13.21
N TRP A 405 11.43 13.67 13.26
CA TRP A 405 12.44 13.09 12.36
C TRP A 405 12.27 11.62 11.99
N HIS A 406 11.99 10.78 12.99
CA HIS A 406 11.98 9.34 12.78
C HIS A 406 10.58 8.71 12.92
N THR A 407 9.54 9.54 12.91
CA THR A 407 8.17 9.03 13.11
C THR A 407 7.67 8.13 11.98
N GLY A 408 8.40 8.09 10.86
CA GLY A 408 8.06 7.23 9.74
C GLY A 408 9.12 6.19 9.42
N ASP A 409 10.08 6.02 10.34
CA ASP A 409 11.25 5.18 10.08
C ASP A 409 10.97 3.73 10.45
N GLY A 410 9.83 3.21 10.02
CA GLY A 410 9.41 1.91 10.45
C GLY A 410 9.13 1.93 11.94
N MET A 411 8.39 2.93 12.39
CA MET A 411 8.05 3.06 13.79
C MET A 411 6.90 2.14 14.14
N THR A 412 6.95 1.56 15.33
CA THR A 412 5.88 0.68 15.78
C THR A 412 5.17 1.25 17.01
N TYR A 413 3.84 1.20 16.99
CA TYR A 413 3.04 1.63 18.14
C TYR A 413 2.34 0.42 18.72
N LEU A 414 2.49 0.20 20.02
CA LEU A 414 1.79 -0.89 20.70
C LEU A 414 0.73 -0.36 21.65
N TYR A 415 -0.53 -0.71 21.39
CA TYR A 415 -1.65 -0.20 22.16
C TYR A 415 -2.19 -1.27 23.08
N ASN A 416 -2.40 -0.92 24.34
CA ASN A 416 -3.01 -1.84 25.29
C ASN A 416 -3.87 -1.11 26.32
N THR A 417 -3.97 -1.66 27.53
CA THR A 417 -4.87 -1.07 28.52
C THR A 417 -4.30 0.22 29.14
N ASP A 418 -3.01 0.45 28.93
CA ASP A 418 -2.38 1.68 29.36
C ASP A 418 -2.83 2.79 28.41
N LEU A 419 -4.07 3.24 28.60
CA LEU A 419 -4.72 4.19 27.68
C LEU A 419 -3.97 5.49 27.50
N SER A 420 -3.14 5.85 28.47
CA SER A 420 -2.52 7.17 28.45
C SER A 420 -1.11 7.14 27.86
N GLN A 421 -0.67 5.95 27.46
CA GLN A 421 0.70 5.74 27.00
C GLN A 421 1.23 6.85 26.10
N PHE A 422 0.45 7.23 25.10
CA PHE A 422 0.94 8.17 24.09
C PHE A 422 0.38 9.57 24.29
N ASN A 423 -0.48 9.73 25.29
CA ASN A 423 -0.85 11.07 25.76
C ASN A 423 -0.18 11.33 27.11
N ASP A 424 -0.74 12.23 27.92
CA ASP A 424 -0.13 12.52 29.22
C ASP A 424 1.32 12.98 29.02
N HIS A 425 1.53 13.71 27.93
CA HIS A 425 2.83 14.31 27.59
C HIS A 425 3.90 13.33 27.13
N PHE A 426 3.48 12.18 26.62
CA PHE A 426 4.41 11.26 25.96
C PHE A 426 5.37 11.98 24.99
N TRP A 427 4.80 12.73 24.05
CA TRP A 427 5.58 13.33 22.96
C TRP A 427 6.54 14.44 23.38
N ALA A 428 6.28 15.09 24.52
CA ALA A 428 7.12 16.21 24.93
C ALA A 428 8.27 15.77 25.83
N THR A 429 8.30 14.48 26.17
CA THR A 429 9.32 13.93 27.06
C THR A 429 10.15 12.81 26.45
N VAL A 430 9.54 12.01 25.57
CA VAL A 430 10.22 10.86 24.96
C VAL A 430 11.47 11.27 24.19
N ASP A 431 12.46 10.38 24.14
CA ASP A 431 13.63 10.62 23.31
C ASP A 431 13.27 10.38 21.83
N ASN A 432 13.01 11.46 21.10
CA ASN A 432 12.61 11.37 19.70
C ASN A 432 13.70 10.89 18.77
N TYR A 433 14.90 10.66 19.31
CA TYR A 433 15.97 10.05 18.54
C TYR A 433 15.89 8.53 18.59
N ARG A 434 15.05 8.03 19.50
CA ARG A 434 14.89 6.60 19.73
C ARG A 434 13.44 6.18 19.81
N LEU A 435 12.68 6.45 18.75
CA LEU A 435 11.29 6.02 18.65
C LEU A 435 11.18 4.51 18.38
N PRO A 436 10.23 3.83 19.04
CA PRO A 436 10.12 2.35 18.99
C PRO A 436 10.04 1.80 17.56
N GLY A 437 10.73 0.69 17.34
CA GLY A 437 10.64 -0.02 16.08
C GLY A 437 11.59 0.49 15.02
N THR A 438 11.99 1.75 15.14
CA THR A 438 12.80 2.40 14.11
C THR A 438 14.23 1.89 14.06
N THR A 439 14.84 1.95 12.88
CA THR A 439 16.27 1.78 12.74
C THR A 439 16.87 3.13 12.36
N VAL A 440 17.79 3.65 13.17
CA VAL A 440 18.32 5.01 12.96
C VAL A 440 19.83 5.18 13.20
N LEU A 441 20.38 6.29 12.70
CA LEU A 441 21.72 6.72 13.09
C LEU A 441 21.58 7.41 14.43
N GLN A 442 22.42 7.04 15.39
CA GLN A 442 22.25 7.50 16.77
C GLN A 442 22.29 9.01 16.91
N ASN A 443 21.27 9.54 17.59
CA ASN A 443 21.16 10.98 17.89
C ASN A 443 21.30 11.87 16.68
N THR A 444 20.54 11.57 15.64
CA THR A 444 20.61 12.33 14.41
C THR A 444 19.22 12.81 14.00
N THR A 445 19.18 13.71 13.04
CA THR A 445 17.92 14.22 12.55
C THR A 445 17.71 13.76 11.12
N GLN A 446 16.56 14.09 10.55
CA GLN A 446 16.30 13.74 9.17
C GLN A 446 15.45 14.82 8.53
N THR A 447 15.86 15.22 7.34
CA THR A 447 15.13 16.19 6.54
C THR A 447 13.63 15.87 6.47
N ALA A 448 12.81 16.85 6.78
CA ALA A 448 11.37 16.70 6.78
C ALA A 448 10.76 16.72 5.38
N ASN A 449 9.51 16.32 5.30
CA ASN A 449 8.71 16.45 4.09
C ASN A 449 9.34 15.80 2.87
N SER A 450 9.93 14.62 3.07
CA SER A 450 10.68 13.95 2.00
C SER A 450 10.29 12.50 1.84
N ARG A 451 10.33 12.01 0.60
CA ARG A 451 10.10 10.61 0.32
C ARG A 451 11.44 9.93 0.07
N SER A 452 11.51 8.62 0.33
CA SER A 452 12.75 7.87 0.14
C SER A 452 12.92 7.57 -1.34
N ASP A 453 14.05 6.98 -1.70
CA ASP A 453 14.23 6.51 -3.06
C ASP A 453 13.91 5.01 -3.14
N LYS A 454 13.19 4.50 -2.14
CA LYS A 454 12.79 3.08 -2.09
C LYS A 454 11.27 2.91 -2.20
N SER A 455 10.84 2.04 -3.10
CA SER A 455 9.42 1.82 -3.34
C SER A 455 8.85 0.65 -2.54
N TRP A 456 9.72 -0.18 -2.00
CA TRP A 456 9.29 -1.38 -1.28
C TRP A 456 8.79 -0.98 0.09
N ALA A 457 7.51 -0.66 0.18
CA ALA A 457 6.86 -0.50 1.46
C ALA A 457 5.43 -0.99 1.32
N GLY A 458 5.02 -1.88 2.21
CA GLY A 458 3.67 -2.41 2.16
C GLY A 458 3.65 -3.81 2.75
N GLY A 459 2.73 -4.64 2.25
CA GLY A 459 2.59 -5.99 2.76
C GLY A 459 1.33 -6.66 2.28
N THR A 460 1.00 -7.78 2.91
CA THR A 460 -0.18 -8.56 2.57
C THR A 460 -0.73 -9.28 3.80
N ASP A 461 -1.85 -9.97 3.65
CA ASP A 461 -2.56 -10.49 4.80
C ASP A 461 -3.36 -11.74 4.48
N ILE A 462 -3.85 -12.40 5.52
CA ILE A 462 -4.66 -13.59 5.34
C ILE A 462 -5.72 -13.69 6.43
N LEU A 463 -6.88 -14.23 6.06
CA LEU A 463 -7.99 -14.46 6.99
C LEU A 463 -8.52 -13.17 7.61
N GLY A 464 -8.09 -12.04 7.07
CA GLY A 464 -8.41 -10.75 7.65
C GLY A 464 -7.93 -10.60 9.09
N GLN A 465 -6.94 -11.41 9.49
CA GLN A 465 -6.48 -11.47 10.88
C GLN A 465 -4.96 -11.48 11.05
N TYR A 466 -4.25 -11.98 10.05
CA TYR A 466 -2.81 -12.13 10.14
C TYR A 466 -2.16 -11.39 8.99
N GLY A 467 -1.01 -10.78 9.24
CA GLY A 467 -0.42 -9.95 8.22
C GLY A 467 1.09 -9.94 8.32
N VAL A 468 1.71 -9.48 7.25
CA VAL A 468 3.15 -9.31 7.18
C VAL A 468 3.41 -8.01 6.43
N SER A 469 4.29 -7.16 6.96
CA SER A 469 4.65 -5.94 6.29
C SER A 469 6.15 -5.80 6.21
N GLY A 470 6.59 -4.97 5.27
CA GLY A 470 7.99 -4.70 5.12
C GLY A 470 8.28 -3.31 4.62
N MET A 471 9.48 -2.84 4.94
CA MET A 471 9.95 -1.54 4.50
C MET A 471 11.43 -1.61 4.21
N GLU A 472 11.82 -1.26 2.99
CA GLU A 472 13.22 -0.97 2.74
C GLU A 472 13.51 0.48 3.15
N LEU A 473 14.10 0.63 4.32
CA LEU A 473 14.44 1.95 4.82
C LEU A 473 15.62 2.51 4.05
N HIS A 474 15.53 3.79 3.71
CA HIS A 474 16.72 4.55 3.31
C HIS A 474 16.54 5.97 3.81
N THR A 475 17.11 6.25 4.98
CA THR A 475 17.03 7.57 5.61
C THR A 475 17.40 8.66 4.63
N VAL A 476 16.58 9.70 4.51
CA VAL A 476 16.89 10.75 3.53
C VAL A 476 18.06 11.59 4.03
N GLY A 477 18.98 11.91 3.13
CA GLY A 477 20.18 12.65 3.51
C GLY A 477 21.23 11.77 4.20
N LYS A 478 20.95 10.48 4.32
CA LYS A 478 21.91 9.56 4.91
C LYS A 478 22.19 8.39 3.98
N SER A 479 23.25 7.64 4.26
CA SER A 479 23.52 6.45 3.48
C SER A 479 22.72 5.29 4.07
N LEU A 480 22.39 5.43 5.35
CA LEU A 480 21.72 4.37 6.12
C LEU A 480 20.61 3.73 5.33
N THR A 481 20.61 2.41 5.32
CA THR A 481 19.57 1.66 4.65
C THR A 481 19.35 0.35 5.38
N ALA A 482 18.14 -0.19 5.30
CA ALA A 482 17.83 -1.43 6.00
C ALA A 482 16.58 -2.11 5.46
N LYS A 483 16.50 -3.42 5.66
CA LYS A 483 15.29 -4.15 5.35
C LYS A 483 14.61 -4.64 6.63
N LYS A 484 13.49 -4.02 6.93
CA LYS A 484 12.76 -4.27 8.17
C LYS A 484 11.43 -4.93 7.84
N SER A 485 11.13 -6.02 8.53
CA SER A 485 9.89 -6.75 8.26
C SER A 485 9.14 -6.99 9.56
N TRP A 486 7.81 -6.99 9.47
CA TRP A 486 6.99 -7.26 10.64
C TRP A 486 6.02 -8.41 10.34
N PHE A 487 5.85 -9.31 11.31
CA PHE A 487 5.04 -10.51 11.10
C PHE A 487 4.06 -10.59 12.25
N MET A 488 2.80 -10.36 11.94
CA MET A 488 1.80 -10.10 12.96
C MET A 488 0.78 -11.22 13.01
N PHE A 489 0.81 -12.02 14.08
CA PHE A 489 -0.01 -13.24 14.14
C PHE A 489 -1.14 -13.12 15.18
N ASP A 490 -1.43 -14.19 15.90
CA ASP A 490 -2.56 -14.13 16.84
C ASP A 490 -2.24 -13.43 18.15
N ASP A 491 -1.02 -13.61 18.67
CA ASP A 491 -0.67 -13.02 19.95
C ASP A 491 0.80 -12.65 20.01
N GLU A 492 1.45 -12.59 18.86
CA GLU A 492 2.84 -12.14 18.80
C GLU A 492 3.08 -11.30 17.57
N ILE A 493 4.10 -10.44 17.65
CA ILE A 493 4.62 -9.75 16.49
C ILE A 493 6.10 -10.06 16.34
N VAL A 494 6.50 -10.57 15.19
CA VAL A 494 7.91 -10.81 14.96
C VAL A 494 8.47 -9.67 14.13
N ALA A 495 9.59 -9.11 14.57
CA ALA A 495 10.27 -8.05 13.85
C ALA A 495 11.65 -8.52 13.41
N LEU A 496 11.92 -8.39 12.11
CA LEU A 496 13.19 -8.81 11.56
C LEU A 496 13.87 -7.68 10.82
N GLY A 497 15.19 -7.63 10.91
CA GLY A 497 15.95 -6.67 10.14
C GLY A 497 17.21 -7.32 9.61
N SER A 498 17.61 -6.90 8.42
CA SER A 498 18.86 -7.35 7.82
C SER A 498 19.20 -6.38 6.72
N GLY A 499 20.37 -6.57 6.11
CA GLY A 499 20.85 -5.65 5.10
C GLY A 499 21.12 -4.26 5.65
N ILE A 500 21.30 -4.17 6.98
CA ILE A 500 21.52 -2.89 7.62
C ILE A 500 22.92 -2.38 7.32
N ALA A 501 22.99 -1.33 6.52
CA ALA A 501 24.26 -0.81 6.02
C ALA A 501 24.34 0.73 6.05
N SER A 502 25.50 1.24 6.44
CA SER A 502 25.70 2.67 6.52
C SER A 502 27.17 3.03 6.34
N THR A 503 27.42 4.20 5.77
CA THR A 503 28.78 4.74 5.71
C THR A 503 28.80 6.13 6.33
N ASP A 504 27.91 6.38 7.28
CA ASP A 504 27.72 7.72 7.85
C ASP A 504 28.62 7.99 9.04
N GLY A 505 29.41 7.00 9.43
CA GLY A 505 30.33 7.17 10.56
C GLY A 505 29.67 7.37 11.91
N ILE A 506 28.43 6.92 12.04
CA ILE A 506 27.72 7.05 13.31
C ILE A 506 27.12 5.72 13.73
N ALA A 507 27.24 5.40 15.01
CA ALA A 507 26.65 4.19 15.58
C ALA A 507 25.18 4.06 15.17
N THR A 508 24.83 2.89 14.64
CA THR A 508 23.50 2.66 14.13
C THR A 508 22.66 1.86 15.13
N GLU A 509 21.41 2.26 15.33
CA GLU A 509 20.58 1.65 16.37
C GLU A 509 19.23 1.18 15.85
N THR A 510 18.70 0.14 16.47
CA THR A 510 17.33 -0.29 16.22
C THR A 510 16.59 -0.33 17.54
N ILE A 511 15.49 0.43 17.64
CA ILE A 511 14.82 0.58 18.93
C ILE A 511 13.75 -0.48 19.13
N VAL A 512 13.94 -1.31 20.15
CA VAL A 512 12.95 -2.33 20.44
C VAL A 512 11.78 -1.73 21.21
N GLU A 513 12.10 -0.87 22.18
CA GLU A 513 11.09 -0.32 23.07
C GLU A 513 11.50 1.07 23.52
N ASN A 514 10.50 1.90 23.82
CA ASN A 514 10.72 3.15 24.52
C ASN A 514 9.43 3.50 25.23
N ARG A 515 9.15 2.81 26.32
CA ARG A 515 7.83 2.84 26.94
C ARG A 515 7.76 3.84 28.07
N LYS A 516 6.66 4.59 28.13
CA LYS A 516 6.44 5.49 29.26
C LYS A 516 5.97 4.68 30.46
N LEU A 517 6.51 4.99 31.64
CA LEU A 517 6.26 4.20 32.84
C LEU A 517 5.29 4.90 33.78
N ASN A 518 5.01 4.28 34.93
CA ASN A 518 4.20 4.92 35.95
C ASN A 518 4.94 6.11 36.54
N SER A 519 4.31 6.81 37.48
CA SER A 519 4.85 8.08 37.97
C SER A 519 6.14 7.88 38.76
N SER A 520 6.33 6.69 39.32
CA SER A 520 7.58 6.34 39.98
C SER A 520 8.66 5.99 38.95
N GLY A 521 8.23 5.40 37.84
CA GLY A 521 9.15 4.84 36.87
C GLY A 521 9.76 3.55 37.41
N ASN A 522 8.97 2.78 38.15
CA ASN A 522 9.49 1.58 38.78
C ASN A 522 8.94 0.26 38.26
N ASN A 523 8.28 0.31 37.11
CA ASN A 523 7.68 -0.90 36.52
C ASN A 523 8.73 -2.00 36.47
N ALA A 524 8.39 -3.17 36.99
CA ALA A 524 9.39 -4.22 37.11
C ALA A 524 9.92 -4.64 35.72
N LEU A 525 11.24 -4.69 35.60
CA LEU A 525 11.89 -5.18 34.40
C LEU A 525 12.58 -6.49 34.70
N ILE A 526 11.99 -7.59 34.25
CA ILE A 526 12.57 -8.90 34.50
C ILE A 526 13.25 -9.42 33.24
N VAL A 527 14.53 -9.75 33.37
CA VAL A 527 15.34 -10.16 32.23
C VAL A 527 15.91 -11.55 32.43
N ASN A 528 15.69 -12.44 31.47
CA ASN A 528 16.05 -13.85 31.61
C ASN A 528 15.60 -14.43 32.95
N GLY A 529 14.41 -14.05 33.40
CA GLY A 529 13.86 -14.56 34.63
C GLY A 529 14.42 -13.93 35.89
N THR A 530 15.20 -12.87 35.74
CA THR A 530 15.82 -12.20 36.89
C THR A 530 15.49 -10.71 36.92
N ALA A 531 14.93 -10.25 38.04
CA ALA A 531 14.57 -8.84 38.22
C ALA A 531 15.77 -7.91 38.17
N LYS A 532 15.65 -6.83 37.40
CA LYS A 532 16.68 -5.80 37.39
C LYS A 532 16.33 -4.72 38.40
N PRO A 533 17.31 -3.87 38.76
CA PRO A 533 17.04 -2.72 39.63
C PRO A 533 15.94 -1.82 39.06
N GLY A 534 14.99 -1.40 39.87
CA GLY A 534 13.88 -0.60 39.39
C GLY A 534 14.04 0.91 39.56
N SER A 535 15.26 1.33 39.87
CA SER A 535 15.51 2.73 40.17
C SER A 535 15.89 3.53 38.93
N LEU A 536 15.43 4.78 38.89
CA LEU A 536 15.73 5.70 37.79
C LEU A 536 17.24 5.92 37.70
N GLY A 537 17.76 5.98 36.49
CA GLY A 537 19.18 6.10 36.26
C GLY A 537 19.77 4.80 35.77
N TRP A 538 19.06 3.70 36.01
CA TRP A 538 19.50 2.36 35.59
C TRP A 538 19.85 2.28 34.11
N SER A 539 20.98 1.63 33.82
CA SER A 539 21.52 1.57 32.48
C SER A 539 22.54 0.43 32.35
N GLU A 540 22.31 -0.44 31.37
CA GLU A 540 23.14 -1.62 31.16
C GLU A 540 23.21 -1.95 29.68
N THR A 541 24.33 -2.55 29.24
CA THR A 541 24.35 -3.26 27.97
C THR A 541 24.23 -4.75 28.26
N MET A 542 23.01 -5.28 28.15
CA MET A 542 22.69 -6.65 28.58
C MET A 542 22.91 -7.72 27.51
N THR A 543 24.00 -8.48 27.66
CA THR A 543 24.32 -9.51 26.66
C THR A 543 23.66 -10.85 26.95
N GLY A 544 23.59 -11.69 25.91
CA GLY A 544 22.95 -12.98 26.04
C GLY A 544 21.52 -12.87 26.51
N THR A 545 20.83 -11.83 26.06
CA THR A 545 19.45 -11.63 26.45
C THR A 545 18.54 -12.56 25.65
N ASN A 546 17.74 -13.35 26.37
CA ASN A 546 16.83 -14.30 25.73
C ASN A 546 15.42 -13.78 25.73
N TYR A 547 14.98 -13.31 26.88
CA TYR A 547 13.67 -12.71 27.00
C TYR A 547 13.67 -11.60 28.04
N ILE A 548 12.64 -10.76 27.98
CA ILE A 548 12.50 -9.63 28.87
C ILE A 548 11.02 -9.49 29.19
N HIS A 549 10.69 -9.14 30.43
CA HIS A 549 9.31 -8.82 30.78
C HIS A 549 9.26 -7.47 31.48
N LEU A 550 8.45 -6.56 30.93
CA LEU A 550 8.24 -5.25 31.52
C LEU A 550 6.81 -5.14 31.98
N ALA A 551 6.61 -4.92 33.28
CA ALA A 551 5.25 -4.94 33.84
C ALA A 551 4.51 -3.65 33.50
N GLY A 552 3.23 -3.78 33.19
CA GLY A 552 2.45 -2.63 32.77
C GLY A 552 1.94 -1.83 33.96
N SER A 553 1.77 -0.53 33.75
CA SER A 553 1.31 0.37 34.82
C SER A 553 -0.11 0.06 35.26
N VAL A 554 -0.80 -0.73 34.46
CA VAL A 554 -2.21 -1.05 34.65
C VAL A 554 -2.40 -2.48 34.15
N PRO A 555 -3.27 -3.25 34.83
CA PRO A 555 -3.58 -4.63 34.42
C PRO A 555 -3.94 -4.72 32.95
N GLY A 556 -3.28 -5.62 32.23
CA GLY A 556 -3.50 -5.78 30.80
C GLY A 556 -2.44 -5.13 29.94
N SER A 557 -1.46 -4.48 30.55
CA SER A 557 -0.43 -3.78 29.78
C SER A 557 1.02 -4.26 29.95
N ASP A 558 1.22 -5.48 30.46
CA ASP A 558 2.54 -6.10 30.45
C ASP A 558 3.02 -6.20 29.01
N ILE A 559 4.33 -6.14 28.79
CA ILE A 559 4.89 -6.44 27.47
C ILE A 559 6.06 -7.42 27.56
N GLY A 560 6.04 -8.46 26.74
CA GLY A 560 7.12 -9.43 26.69
C GLY A 560 7.98 -9.20 25.47
N TYR A 561 9.25 -9.58 25.55
CA TYR A 561 10.15 -9.46 24.40
C TYR A 561 11.01 -10.72 24.32
N TYR A 562 10.90 -11.44 23.23
CA TYR A 562 11.70 -12.64 23.06
C TYR A 562 12.75 -12.35 21.99
N PHE A 563 13.98 -12.77 22.25
CA PHE A 563 15.07 -12.52 21.32
C PHE A 563 15.67 -13.81 20.78
N PRO A 564 15.18 -14.25 19.61
CA PRO A 564 15.62 -15.50 18.98
C PRO A 564 17.13 -15.55 18.80
N GLY A 565 17.75 -16.56 19.42
CA GLY A 565 19.18 -16.75 19.30
C GLY A 565 19.94 -15.97 20.33
N GLY A 566 19.20 -15.24 21.16
CA GLY A 566 19.79 -14.31 22.10
C GLY A 566 20.28 -13.04 21.43
N ALA A 567 20.27 -11.92 22.17
CA ALA A 567 20.77 -10.65 21.64
C ALA A 567 21.44 -9.79 22.71
N ALA A 568 22.33 -8.93 22.26
CA ALA A 568 22.88 -7.87 23.10
C ALA A 568 21.91 -6.67 23.08
N VAL A 569 21.16 -6.51 24.17
CA VAL A 569 20.16 -5.45 24.29
C VAL A 569 20.57 -4.38 25.31
N LYS A 570 20.74 -3.14 24.85
CA LYS A 570 20.98 -2.02 25.76
C LYS A 570 19.69 -1.55 26.42
N GLY A 571 19.78 -1.17 27.69
CA GLY A 571 18.61 -0.76 28.44
C GLY A 571 18.85 0.51 29.22
N LEU A 572 17.78 1.30 29.39
CA LEU A 572 17.87 2.56 30.10
C LEU A 572 16.53 2.91 30.75
N ARG A 573 16.54 3.02 32.07
CA ARG A 573 15.38 3.52 32.80
C ARG A 573 15.69 4.93 33.34
N GLU A 574 15.05 5.95 32.78
CA GLU A 574 15.38 7.32 33.17
C GLU A 574 14.15 8.20 33.21
N ALA A 575 14.29 9.33 33.91
CA ALA A 575 13.27 10.39 33.92
C ALA A 575 13.65 11.39 32.85
N ARG A 576 12.66 11.86 32.11
CA ARG A 576 12.96 12.82 31.06
C ARG A 576 12.13 14.08 31.18
N SER A 577 12.75 15.21 30.87
CA SER A 577 12.04 16.48 30.90
C SER A 577 12.12 17.15 29.55
N GLY A 578 11.09 17.93 29.26
CA GLY A 578 11.02 18.69 28.04
C GLY A 578 9.70 19.41 28.02
N SER A 579 9.50 20.25 27.02
CA SER A 579 8.23 20.93 26.85
C SER A 579 7.77 20.80 25.39
N TRP A 580 6.50 21.07 25.17
CA TRP A 580 5.92 20.98 23.83
C TRP A 580 6.52 21.97 22.84
N SER A 581 7.18 23.01 23.36
CA SER A 581 7.76 24.05 22.54
C SER A 581 8.80 23.50 21.58
N SER A 582 9.50 22.46 22.03
CA SER A 582 10.47 21.76 21.20
C SER A 582 9.81 21.10 19.99
N LEU A 583 8.58 20.63 20.17
CA LEU A 583 7.88 19.98 19.08
C LEU A 583 7.11 20.98 18.24
N ASN A 584 6.58 22.00 18.90
CA ASN A 584 5.71 22.97 18.25
C ASN A 584 5.90 24.36 18.80
N SER A 585 6.42 25.26 17.96
CA SER A 585 6.66 26.62 18.41
C SER A 585 5.90 27.61 17.54
N SER A 586 4.87 27.12 16.86
CA SER A 586 3.96 27.99 16.13
C SER A 586 3.22 28.86 17.14
N ALA A 587 2.68 29.98 16.64
CA ALA A 587 2.03 30.98 17.50
C ALA A 587 0.85 30.40 18.27
N SER A 588 0.08 29.54 17.60
CA SER A 588 -1.10 28.96 18.21
C SER A 588 -0.77 27.93 19.27
N TRP A 589 0.35 27.24 19.13
CA TRP A 589 0.56 26.07 19.96
C TRP A 589 1.77 26.12 20.89
N LYS A 590 2.58 27.15 20.75
CA LYS A 590 3.75 27.31 21.60
C LYS A 590 3.36 27.22 23.06
N ASP A 591 4.06 26.35 23.81
CA ASP A 591 3.78 26.08 25.22
C ASP A 591 5.08 25.59 25.87
N SER A 592 5.61 26.39 26.79
CA SER A 592 6.93 26.14 27.33
C SER A 592 6.94 25.47 28.69
N THR A 593 5.76 25.19 29.23
CA THR A 593 5.66 24.47 30.49
C THR A 593 6.41 23.14 30.45
N LEU A 594 7.27 22.94 31.43
CA LEU A 594 8.11 21.75 31.51
C LEU A 594 7.33 20.57 32.10
N HIS A 595 7.66 19.38 31.63
CA HIS A 595 7.01 18.15 32.09
C HIS A 595 8.06 17.08 32.26
N THR A 596 7.86 16.21 33.24
CA THR A 596 8.81 15.14 33.48
C THR A 596 8.12 13.78 33.48
N ARG A 597 8.56 12.90 32.60
CA ARG A 597 7.99 11.56 32.49
C ARG A 597 9.08 10.49 32.49
N ASN A 598 8.72 9.28 32.90
CA ASN A 598 9.66 8.17 33.02
C ASN A 598 9.57 7.18 31.88
N PHE A 599 10.72 6.70 31.42
CA PHE A 599 10.76 5.82 30.25
C PHE A 599 11.68 4.61 30.42
N MET A 600 11.25 3.48 29.85
CA MET A 600 12.09 2.30 29.70
C MET A 600 12.44 2.13 28.24
N THR A 601 13.72 2.27 27.92
CA THR A 601 14.17 2.20 26.54
C THR A 601 15.04 0.96 26.31
N LEU A 602 14.67 0.13 25.34
CA LEU A 602 15.44 -1.05 24.98
C LEU A 602 15.84 -0.94 23.51
N TRP A 603 17.10 -1.24 23.18
CA TRP A 603 17.53 -1.17 21.79
C TRP A 603 18.75 -2.03 21.40
N PHE A 604 18.99 -2.12 20.10
CA PHE A 604 20.16 -2.80 19.56
C PHE A 604 21.16 -1.77 19.07
N ASP A 605 22.43 -2.07 19.25
CA ASP A 605 23.49 -1.24 18.70
C ASP A 605 24.25 -2.03 17.65
N HIS A 606 24.06 -1.66 16.40
CA HIS A 606 24.74 -2.31 15.27
C HIS A 606 26.14 -1.76 15.05
N GLY A 607 26.55 -0.80 15.88
CA GLY A 607 27.85 -0.17 15.74
C GLY A 607 27.95 0.83 14.61
N MET A 608 29.16 1.33 14.37
CA MET A 608 29.40 2.28 13.31
C MET A 608 29.56 1.58 11.99
N ASN A 609 29.23 2.29 10.93
CA ASN A 609 29.40 1.79 9.57
C ASN A 609 29.10 0.30 9.35
N PRO A 610 27.90 -0.15 9.76
CA PRO A 610 27.61 -1.58 9.57
C PRO A 610 27.56 -1.89 8.08
N THR A 611 27.92 -3.11 7.70
CA THR A 611 27.99 -3.47 6.28
C THR A 611 26.80 -4.34 5.90
N ASN A 612 26.29 -5.06 6.90
CA ASN A 612 25.20 -6.01 6.72
C ASN A 612 24.67 -6.45 8.08
N GLY A 613 24.30 -5.46 8.90
CA GLY A 613 23.77 -5.72 10.23
C GLY A 613 22.36 -6.31 10.20
N SER A 614 21.89 -6.76 11.35
CA SER A 614 20.59 -7.42 11.40
C SER A 614 20.05 -7.41 12.82
N TYR A 615 18.77 -7.71 12.95
CA TYR A 615 18.16 -7.90 14.26
C TYR A 615 16.99 -8.83 14.11
N SER A 616 16.56 -9.39 15.23
CA SER A 616 15.30 -10.11 15.31
C SER A 616 14.81 -10.04 16.74
N TYR A 617 13.51 -9.83 16.91
CA TYR A 617 12.87 -9.89 18.22
C TYR A 617 11.38 -10.14 18.04
N VAL A 618 10.73 -10.54 19.12
CA VAL A 618 9.31 -10.90 19.06
C VAL A 618 8.58 -10.18 20.16
N LEU A 619 7.56 -9.40 19.79
CA LEU A 619 6.75 -8.73 20.79
C LEU A 619 5.71 -9.71 21.33
N LEU A 620 5.64 -9.83 22.64
CA LEU A 620 4.69 -10.71 23.29
C LEU A 620 3.83 -9.92 24.27
N PRO A 621 2.82 -9.20 23.75
CA PRO A 621 2.00 -8.36 24.63
C PRO A 621 1.17 -9.16 25.62
N ASN A 622 0.86 -8.55 26.76
CA ASN A 622 -0.20 -9.04 27.64
C ASN A 622 0.09 -10.45 28.19
N LYS A 623 1.37 -10.73 28.39
CA LYS A 623 1.76 -12.02 28.97
C LYS A 623 2.48 -11.85 30.28
N THR A 624 2.26 -12.79 31.19
CA THR A 624 2.99 -12.81 32.45
C THR A 624 4.45 -13.10 32.18
N SER A 625 5.28 -12.88 33.18
CA SER A 625 6.71 -13.07 33.06
C SER A 625 7.04 -14.53 32.76
N SER A 626 6.32 -15.46 33.39
CA SER A 626 6.59 -16.88 33.22
C SER A 626 6.11 -17.36 31.86
N ALA A 627 5.02 -16.77 31.39
CA ALA A 627 4.49 -17.09 30.08
C ALA A 627 5.51 -16.66 29.02
N VAL A 628 6.08 -15.47 29.21
CA VAL A 628 7.12 -14.99 28.31
C VAL A 628 8.28 -15.99 28.26
N ALA A 629 8.77 -16.35 29.44
CA ALA A 629 9.80 -17.37 29.56
C ALA A 629 9.34 -18.64 28.85
N SER A 630 8.09 -19.02 29.08
CA SER A 630 7.55 -20.24 28.50
C SER A 630 7.59 -20.21 26.97
N TYR A 631 7.24 -19.06 26.40
CA TYR A 631 7.29 -18.85 24.96
C TYR A 631 8.73 -18.98 24.47
N ALA A 632 9.67 -18.40 25.20
CA ALA A 632 11.07 -18.45 24.78
C ALA A 632 11.59 -19.87 24.71
N ALA A 633 11.12 -20.74 25.61
CA ALA A 633 11.57 -22.12 25.64
C ALA A 633 11.08 -22.93 24.44
N THR A 634 9.83 -22.69 24.08
CA THR A 634 9.22 -23.38 22.95
C THR A 634 8.42 -22.36 22.14
N PRO A 635 9.10 -21.61 21.27
CA PRO A 635 8.50 -20.52 20.50
C PRO A 635 7.46 -21.03 19.54
N GLN A 636 6.36 -20.30 19.41
CA GLN A 636 5.32 -20.65 18.45
C GLN A 636 5.66 -20.11 17.06
N ILE A 637 6.84 -19.50 16.91
CA ILE A 637 7.28 -19.02 15.59
C ILE A 637 8.63 -19.61 15.19
N SER A 638 8.87 -19.71 13.89
CA SER A 638 10.17 -20.15 13.40
C SER A 638 10.65 -19.26 12.27
N ILE A 639 11.81 -18.65 12.46
CA ILE A 639 12.33 -17.76 11.45
C ILE A 639 13.00 -18.63 10.39
N LEU A 640 12.43 -18.61 9.20
CA LEU A 640 12.88 -19.46 8.11
C LEU A 640 14.11 -18.88 7.46
N GLU A 641 14.16 -17.55 7.41
CA GLU A 641 15.28 -16.82 6.84
C GLU A 641 15.18 -15.38 7.26
N ASN A 642 16.33 -14.76 7.45
CA ASN A 642 16.41 -13.33 7.69
C ASN A 642 17.65 -12.77 7.01
N SER A 643 17.52 -12.52 5.71
CA SER A 643 18.63 -12.02 4.91
C SER A 643 18.17 -10.86 4.05
N SER A 644 19.09 -10.36 3.23
CA SER A 644 18.78 -9.25 2.33
C SER A 644 18.03 -9.77 1.09
N SER A 645 17.86 -11.08 1.00
CA SER A 645 17.19 -11.65 -0.15
C SER A 645 15.74 -11.93 0.20
N ALA A 646 15.50 -12.32 1.45
CA ALA A 646 14.15 -12.58 1.92
C ALA A 646 14.11 -12.65 3.44
N GLN A 647 12.91 -12.43 3.98
CA GLN A 647 12.70 -12.49 5.42
C GLN A 647 11.41 -13.25 5.63
N ALA A 648 11.49 -14.37 6.34
CA ALA A 648 10.32 -15.23 6.44
C ALA A 648 10.15 -15.80 7.84
N VAL A 649 8.90 -15.83 8.30
CA VAL A 649 8.53 -16.34 9.60
C VAL A 649 7.28 -17.21 9.48
N LYS A 650 7.30 -18.35 10.17
CA LYS A 650 6.14 -19.23 10.23
C LYS A 650 5.67 -19.35 11.68
N GLU A 651 4.38 -19.14 11.90
CA GLU A 651 3.79 -19.41 13.20
C GLU A 651 3.28 -20.84 13.15
N THR A 652 3.92 -21.72 13.93
CA THR A 652 3.69 -23.16 13.78
C THR A 652 2.40 -23.68 14.40
N GLN A 653 1.75 -22.87 15.22
CA GLN A 653 0.45 -23.23 15.76
C GLN A 653 -0.61 -22.97 14.70
N LEU A 654 -0.54 -21.78 14.11
CA LEU A 654 -1.53 -21.36 13.12
C LEU A 654 -1.26 -21.96 11.74
N ASN A 655 -0.05 -22.46 11.57
CA ASN A 655 0.44 -22.83 10.24
C ASN A 655 0.26 -21.70 9.24
N VAL A 656 0.55 -20.49 9.70
CA VAL A 656 0.55 -19.30 8.84
C VAL A 656 2.00 -18.86 8.63
N THR A 657 2.37 -18.66 7.37
CA THR A 657 3.72 -18.22 7.05
C THR A 657 3.67 -16.88 6.35
N GLY A 658 4.56 -15.97 6.74
CA GLY A 658 4.68 -14.70 6.06
C GLY A 658 6.07 -14.59 5.44
N ILE A 659 6.15 -14.08 4.22
CA ILE A 659 7.43 -13.91 3.54
C ILE A 659 7.53 -12.59 2.79
N ASN A 660 8.63 -11.86 2.99
CA ASN A 660 8.94 -10.72 2.14
C ASN A 660 10.10 -11.05 1.19
N PHE A 661 9.87 -10.88 -0.10
CA PHE A 661 10.89 -11.07 -1.13
C PHE A 661 11.44 -9.72 -1.61
N TRP A 662 12.75 -9.54 -1.48
CA TRP A 662 13.38 -8.23 -1.72
C TRP A 662 13.92 -8.00 -3.13
N ASN A 663 14.08 -9.06 -3.91
CA ASN A 663 14.73 -8.94 -5.21
C ASN A 663 13.84 -9.35 -6.38
N ASP A 664 14.11 -8.79 -7.55
CA ASP A 664 13.39 -9.16 -8.74
C ASP A 664 14.09 -10.30 -9.49
N GLU A 665 14.51 -11.31 -8.74
CA GLU A 665 15.07 -12.53 -9.31
C GLU A 665 14.38 -13.71 -8.65
N PRO A 666 14.37 -14.87 -9.32
CA PRO A 666 13.84 -16.11 -8.71
C PRO A 666 14.47 -16.37 -7.34
N THR A 667 13.62 -16.56 -6.34
CA THR A 667 14.05 -16.69 -4.94
C THR A 667 13.18 -17.69 -4.19
N THR A 668 13.81 -18.59 -3.45
CA THR A 668 13.08 -19.66 -2.77
C THR A 668 13.33 -19.65 -1.26
N VAL A 669 12.25 -19.61 -0.49
CA VAL A 669 12.32 -19.80 0.96
C VAL A 669 11.09 -20.55 1.45
N GLY A 670 11.29 -21.50 2.37
CA GLY A 670 10.20 -22.35 2.78
C GLY A 670 9.73 -23.15 1.57
N LEU A 671 8.42 -23.16 1.34
CA LEU A 671 7.84 -23.85 0.19
C LEU A 671 7.68 -22.91 -0.99
N VAL A 672 7.96 -21.64 -0.78
CA VAL A 672 7.55 -20.62 -1.74
C VAL A 672 8.69 -20.08 -2.58
N THR A 673 8.44 -19.96 -3.88
CA THR A 673 9.37 -19.34 -4.79
C THR A 673 8.66 -18.14 -5.43
N SER A 674 9.36 -17.00 -5.48
CA SER A 674 8.86 -15.83 -6.19
C SER A 674 9.93 -15.31 -7.13
N ASN A 675 9.52 -14.84 -8.30
CA ASN A 675 10.46 -14.28 -9.26
C ASN A 675 10.46 -12.75 -9.23
N ARG A 676 9.73 -12.17 -8.29
CA ARG A 676 9.61 -10.72 -8.19
C ARG A 676 9.55 -10.27 -6.73
N LYS A 677 9.94 -9.03 -6.47
CA LYS A 677 9.67 -8.42 -5.17
C LYS A 677 8.20 -8.66 -4.84
N ALA A 678 7.93 -9.08 -3.60
CA ALA A 678 6.57 -9.45 -3.24
C ALA A 678 6.44 -9.61 -1.75
N SER A 679 5.23 -9.39 -1.25
CA SER A 679 4.93 -9.78 0.12
C SER A 679 3.93 -10.93 0.01
N VAL A 680 4.20 -12.02 0.71
CA VAL A 680 3.42 -13.25 0.55
C VAL A 680 3.05 -13.83 1.91
N MET A 681 1.83 -14.34 2.03
CA MET A 681 1.41 -15.02 3.24
C MET A 681 0.64 -16.29 2.90
N THR A 682 0.96 -17.40 3.60
CA THR A 682 0.30 -18.68 3.36
C THR A 682 -0.43 -19.18 4.60
N LYS A 683 -1.56 -19.83 4.38
CA LYS A 683 -2.29 -20.53 5.44
C LYS A 683 -2.55 -21.98 5.01
N GLU A 684 -2.03 -22.93 5.78
CA GLU A 684 -2.22 -24.35 5.50
C GLU A 684 -3.14 -25.03 6.50
N THR A 685 -4.02 -25.89 6.01
CA THR A 685 -4.84 -26.75 6.84
C THR A 685 -4.78 -28.16 6.26
N ALA A 686 -5.47 -29.10 6.89
CA ALA A 686 -5.48 -30.48 6.38
C ALA A 686 -6.10 -30.54 5.00
N SER A 687 -7.14 -29.73 4.77
CA SER A 687 -7.91 -29.81 3.53
C SER A 687 -7.55 -28.79 2.45
N ASP A 688 -6.82 -27.73 2.79
CA ASP A 688 -6.53 -26.70 1.80
C ASP A 688 -5.28 -25.88 2.07
N PHE A 689 -4.89 -25.11 1.07
CA PHE A 689 -3.70 -24.29 1.15
C PHE A 689 -4.00 -22.97 0.48
N GLU A 690 -3.88 -21.88 1.24
CA GLU A 690 -4.18 -20.56 0.70
C GLU A 690 -2.95 -19.67 0.64
N ILE A 691 -2.84 -18.90 -0.44
CA ILE A 691 -1.72 -17.99 -0.61
C ILE A 691 -2.19 -16.56 -0.90
N SER A 692 -1.60 -15.59 -0.20
CA SER A 692 -1.90 -14.19 -0.45
C SER A 692 -0.66 -13.48 -0.99
N VAL A 693 -0.81 -12.76 -2.09
CA VAL A 693 0.32 -12.09 -2.73
C VAL A 693 0.04 -10.61 -3.00
N SER A 694 1.05 -9.77 -2.82
CA SER A 694 0.92 -8.36 -3.19
C SER A 694 2.24 -7.85 -3.72
N ASP A 695 2.20 -6.79 -4.52
CA ASP A 695 3.39 -6.09 -4.98
C ASP A 695 3.55 -4.79 -4.19
N PRO A 696 4.38 -4.82 -3.14
CA PRO A 696 4.48 -3.66 -2.26
C PRO A 696 5.13 -2.49 -2.95
N THR A 697 5.84 -2.72 -4.06
CA THR A 697 6.52 -1.63 -4.76
C THR A 697 5.49 -0.80 -5.50
N GLN A 698 4.34 -1.40 -5.78
CA GLN A 698 3.25 -0.76 -6.51
C GLN A 698 3.68 -0.26 -7.89
N SER A 699 4.78 -0.80 -8.42
CA SER A 699 5.31 -0.31 -9.69
C SER A 699 5.68 -1.45 -10.65
N ASN A 700 5.27 -2.66 -10.30
CA ASN A 700 5.33 -3.79 -11.19
C ASN A 700 4.10 -3.72 -12.10
N VAL A 701 4.31 -3.54 -13.40
CA VAL A 701 3.19 -3.44 -14.34
C VAL A 701 2.96 -4.77 -15.06
N GLY A 702 3.71 -5.79 -14.68
CA GLY A 702 3.60 -7.10 -15.30
C GLY A 702 3.05 -8.13 -14.35
N THR A 703 3.77 -9.23 -14.19
CA THR A 703 3.30 -10.35 -13.39
C THR A 703 4.23 -10.70 -12.24
N ILE A 704 3.71 -11.51 -11.34
CA ILE A 704 4.53 -12.19 -10.36
C ILE A 704 4.23 -13.68 -10.42
N TYR A 705 5.25 -14.48 -10.72
CA TYR A 705 5.10 -15.93 -10.72
C TYR A 705 5.43 -16.47 -9.33
N ILE A 706 4.57 -17.35 -8.84
CA ILE A 706 4.76 -17.98 -7.55
C ILE A 706 4.70 -19.51 -7.68
N ASP A 707 5.67 -20.19 -7.10
CA ASP A 707 5.60 -21.64 -6.97
C ASP A 707 5.42 -21.98 -5.50
N VAL A 708 4.60 -22.99 -5.22
CA VAL A 708 4.51 -23.52 -3.87
C VAL A 708 4.85 -25.01 -3.88
N ASN A 709 5.91 -25.36 -3.16
CA ASN A 709 6.47 -26.70 -3.19
C ASN A 709 5.62 -27.73 -2.47
N LYS A 710 4.41 -27.94 -2.96
CA LYS A 710 3.48 -28.91 -2.39
C LYS A 710 2.41 -29.28 -3.40
N SER A 711 1.95 -30.51 -3.34
CA SER A 711 0.97 -31.02 -4.28
C SER A 711 -0.44 -30.61 -3.87
N ALA A 712 -1.21 -30.10 -4.83
CA ALA A 712 -2.63 -29.83 -4.61
C ALA A 712 -3.48 -30.67 -5.57
N THR A 713 -4.75 -30.86 -5.21
CA THR A 713 -5.64 -31.69 -5.98
C THR A 713 -6.47 -30.87 -6.96
N GLY A 714 -6.67 -29.60 -6.63
CA GLY A 714 -7.39 -28.71 -7.52
C GLY A 714 -7.59 -27.34 -6.92
N LEU A 715 -8.59 -26.64 -7.43
CA LEU A 715 -8.85 -25.27 -7.02
C LEU A 715 -10.09 -25.17 -6.15
N ILE A 716 -10.04 -24.30 -5.15
CA ILE A 716 -11.23 -23.99 -4.37
C ILE A 716 -11.72 -22.61 -4.75
N SER A 717 -10.83 -21.62 -4.74
CA SER A 717 -11.21 -20.25 -5.11
C SER A 717 -10.00 -19.42 -5.48
N LYS A 718 -10.25 -18.28 -6.13
CA LYS A 718 -9.17 -17.41 -6.56
C LYS A 718 -9.65 -16.02 -6.95
N ASP A 719 -8.82 -15.01 -6.70
CA ASP A 719 -9.11 -13.67 -7.15
C ASP A 719 -8.90 -13.61 -8.65
N ASN A 720 -9.44 -12.56 -9.28
CA ASN A 720 -9.43 -12.44 -10.74
C ASN A 720 -8.05 -12.56 -11.38
N GLU A 721 -7.11 -11.77 -10.86
CA GLU A 721 -5.82 -11.63 -11.53
C GLU A 721 -4.88 -12.81 -11.33
N ILE A 722 -5.37 -13.85 -10.64
CA ILE A 722 -4.62 -15.09 -10.48
C ILE A 722 -4.85 -16.02 -11.67
N THR A 723 -3.78 -16.58 -12.20
CA THR A 723 -3.89 -17.60 -13.23
C THR A 723 -3.20 -18.85 -12.74
N VAL A 724 -3.97 -19.91 -12.49
CA VAL A 724 -3.40 -21.16 -12.01
C VAL A 724 -2.59 -21.84 -13.12
N ILE A 725 -1.38 -22.28 -12.80
CA ILE A 725 -0.51 -22.89 -13.81
C ILE A 725 -0.38 -24.40 -13.61
N GLN A 726 -0.41 -24.83 -12.34
CA GLN A 726 -0.30 -26.24 -12.05
C GLN A 726 -0.82 -26.58 -10.67
N TYR A 727 -1.36 -27.79 -10.51
CA TYR A 727 -1.79 -28.29 -9.20
C TYR A 727 -0.81 -29.29 -8.61
N TYR A 728 -0.36 -30.24 -9.44
CA TYR A 728 0.54 -31.28 -8.97
C TYR A 728 1.64 -31.54 -10.01
N PRO A 729 2.82 -31.98 -9.57
CA PRO A 729 3.23 -32.32 -8.20
C PRO A 729 3.44 -31.10 -7.30
N THR A 730 3.51 -29.90 -7.87
CA THR A 730 3.61 -28.68 -7.07
C THR A 730 2.66 -27.58 -7.55
N MET A 731 2.18 -26.76 -6.62
CA MET A 731 1.32 -25.63 -6.96
C MET A 731 2.08 -24.56 -7.73
N LYS A 732 1.51 -24.11 -8.84
CA LYS A 732 2.12 -23.05 -9.64
C LYS A 732 1.04 -22.08 -10.09
N PHE A 733 1.30 -20.79 -9.91
CA PHE A 733 0.40 -19.77 -10.45
C PHE A 733 1.13 -18.47 -10.73
N LYS A 734 0.41 -17.52 -11.34
CA LYS A 734 0.96 -16.17 -11.55
C LYS A 734 -0.11 -15.15 -11.23
N VAL A 735 0.33 -13.93 -10.90
CA VAL A 735 -0.56 -12.83 -10.58
C VAL A 735 -0.26 -11.68 -11.52
N ASN A 736 -1.30 -11.10 -12.13
CA ASN A 736 -1.12 -9.87 -12.90
C ASN A 736 -1.32 -8.68 -11.97
N VAL A 737 -0.23 -8.02 -11.60
CA VAL A 737 -0.30 -6.99 -10.57
C VAL A 737 -0.29 -5.58 -11.13
N ASN A 738 -0.56 -5.42 -12.43
CA ASN A 738 -0.57 -4.08 -13.01
C ASN A 738 -1.66 -3.24 -12.36
N ASN A 739 -1.31 -2.00 -12.02
CA ASN A 739 -2.20 -1.09 -11.31
C ASN A 739 -2.78 -1.65 -10.00
N SER A 740 -1.98 -2.44 -9.30
CA SER A 740 -2.43 -3.11 -8.08
C SER A 740 -2.65 -2.16 -6.92
N GLY A 741 -1.88 -1.07 -6.90
CA GLY A 741 -1.89 -0.16 -5.77
C GLY A 741 -1.49 -0.86 -4.48
N GLY A 742 -0.68 -1.91 -4.60
CA GLY A 742 -0.24 -2.68 -3.45
C GLY A 742 -1.28 -3.55 -2.78
N LYS A 743 -2.42 -3.78 -3.45
CA LYS A 743 -3.47 -4.61 -2.85
C LYS A 743 -3.10 -6.08 -2.90
N SER A 744 -3.91 -6.90 -2.24
CA SER A 744 -3.64 -8.33 -2.12
C SER A 744 -4.48 -9.20 -3.05
N TYR A 745 -3.83 -10.22 -3.62
CA TYR A 745 -4.47 -11.23 -4.45
C TYR A 745 -4.38 -12.61 -3.81
N LYS A 746 -5.51 -13.30 -3.67
CA LYS A 746 -5.55 -14.59 -2.96
C LYS A 746 -5.98 -15.76 -3.84
N VAL A 747 -5.43 -16.93 -3.54
CA VAL A 747 -5.82 -18.18 -4.19
C VAL A 747 -5.83 -19.29 -3.14
N LYS A 748 -6.85 -20.14 -3.17
CA LYS A 748 -6.94 -21.25 -2.22
C LYS A 748 -7.06 -22.58 -2.96
N PHE A 749 -6.07 -23.43 -2.74
CA PHE A 749 -6.01 -24.73 -3.39
C PHE A 749 -6.59 -25.83 -2.51
N SER A 750 -7.12 -26.87 -3.14
CA SER A 750 -7.57 -28.04 -2.40
C SER A 750 -6.41 -29.02 -2.25
N LEU A 751 -6.34 -29.70 -1.11
CA LEU A 751 -5.26 -30.67 -0.88
C LEU A 751 -5.77 -32.11 -0.83
N THR A 752 -7.09 -32.27 -0.76
CA THR A 752 -7.70 -33.60 -0.69
C THR A 752 -8.73 -33.81 -1.80
N GLY A 753 -9.31 -35.01 -1.81
CA GLY A 753 -10.22 -35.41 -2.85
C GLY A 753 -9.48 -36.11 -3.97
N THR A 754 -10.20 -36.39 -5.05
CA THR A 754 -9.57 -36.96 -6.23
C THR A 754 -8.95 -35.84 -7.04
N PRO A 755 -7.67 -36.00 -7.41
CA PRO A 755 -6.99 -35.00 -8.24
C PRO A 755 -7.78 -34.67 -9.49
N GLY A 756 -7.98 -33.39 -9.76
CA GLY A 756 -8.56 -32.95 -11.01
C GLY A 756 -7.45 -32.84 -12.03
N SER A 757 -7.74 -32.25 -13.18
CA SER A 757 -6.74 -32.13 -14.23
C SER A 757 -5.88 -30.89 -14.04
N ASN A 758 -4.58 -31.05 -14.25
CA ASN A 758 -3.68 -29.91 -14.32
C ASN A 758 -4.07 -29.03 -15.48
N PRO A 759 -3.99 -27.70 -15.31
CA PRO A 759 -4.23 -26.76 -16.41
C PRO A 759 -3.36 -27.09 -17.61
N SER A 760 -3.87 -26.83 -18.80
CA SER A 760 -3.08 -27.07 -19.99
C SER A 760 -1.97 -26.03 -19.99
N PRO A 761 -0.79 -26.42 -20.50
CA PRO A 761 0.32 -25.48 -20.67
C PRO A 761 -0.14 -24.21 -21.38
N ILE A 762 0.42 -23.08 -21.02
CA ILE A 762 -0.01 -21.79 -21.55
C ILE A 762 0.95 -21.38 -22.66
N PRO A 763 0.51 -21.50 -23.92
CA PRO A 763 1.41 -21.22 -25.04
C PRO A 763 1.73 -19.73 -25.15
N ILE A 764 2.73 -19.36 -25.94
CA ILE A 764 3.08 -17.97 -26.12
C ILE A 764 1.91 -17.21 -26.75
N PRO A 765 1.33 -16.25 -26.02
CA PRO A 765 0.14 -15.54 -26.48
C PRO A 765 0.36 -14.66 -27.70
N ASN A 766 0.81 -15.24 -28.81
CA ASN A 766 1.02 -14.50 -30.05
C ASN A 766 -0.29 -14.17 -30.74
N PRO A 767 -0.43 -12.94 -31.27
CA PRO A 767 0.57 -11.88 -31.11
C PRO A 767 0.36 -11.07 -29.83
N TYR A 768 1.41 -10.42 -29.35
CA TYR A 768 1.30 -9.52 -28.22
C TYR A 768 0.89 -8.16 -28.78
N GLU A 769 -0.39 -7.81 -28.68
CA GLU A 769 -0.87 -6.55 -29.26
C GLU A 769 -0.32 -5.34 -28.54
N ALA A 770 0.38 -4.49 -29.28
CA ALA A 770 1.01 -3.30 -28.73
C ALA A 770 -0.03 -2.44 -28.01
N GLU A 771 -1.19 -2.29 -28.62
CA GLU A 771 -2.25 -1.47 -28.06
C GLU A 771 -2.77 -1.97 -26.71
N ALA A 772 -2.38 -3.17 -26.30
CA ALA A 772 -2.89 -3.72 -25.05
C ALA A 772 -1.78 -4.13 -24.09
N LEU A 773 -0.58 -3.61 -24.34
CA LEU A 773 0.57 -3.95 -23.51
C LEU A 773 0.78 -2.92 -22.42
N PRO A 774 0.92 -3.38 -21.17
CA PRO A 774 1.24 -2.48 -20.05
C PRO A 774 2.58 -1.81 -20.32
N ILE A 775 2.64 -0.51 -20.07
CA ILE A 775 3.88 0.22 -20.33
C ILE A 775 4.67 0.42 -19.04
N ASN A 776 5.91 -0.02 -19.05
CA ASN A 776 6.74 0.04 -17.85
C ASN A 776 7.54 1.33 -17.71
N ALA A 777 7.88 1.97 -18.83
CA ALA A 777 8.69 3.19 -18.85
C ALA A 777 8.63 3.84 -20.23
N LEU A 778 8.73 5.16 -20.28
CA LEU A 778 8.62 5.89 -21.54
C LEU A 778 9.08 7.35 -21.43
N THR A 779 9.39 7.95 -22.57
CA THR A 779 9.81 9.35 -22.63
C THR A 779 8.75 10.19 -23.31
N ASP A 780 7.99 9.53 -24.18
CA ASP A 780 6.94 10.16 -24.95
C ASP A 780 5.68 9.31 -24.91
N THR A 781 4.54 9.96 -24.73
CA THR A 781 3.27 9.23 -24.66
C THR A 781 2.79 8.77 -26.04
N PRO A 782 2.56 7.46 -26.19
CA PRO A 782 2.01 6.92 -27.44
C PRO A 782 0.49 6.99 -27.45
N VAL A 783 -0.10 6.98 -28.64
CA VAL A 783 -1.55 6.97 -28.79
C VAL A 783 -1.96 5.79 -29.67
N VAL A 784 -3.09 5.17 -29.33
CA VAL A 784 -3.64 4.08 -30.13
C VAL A 784 -4.55 4.63 -31.23
N TYR A 785 -4.32 4.20 -32.47
CA TYR A 785 -5.19 4.55 -33.57
C TYR A 785 -5.87 3.31 -34.14
N ASN A 786 -7.07 3.47 -34.69
CA ASN A 786 -7.76 2.36 -35.33
C ASN A 786 -7.32 2.20 -36.79
N ASP A 787 -7.35 0.96 -37.26
CA ASP A 787 -6.84 0.60 -38.58
C ASP A 787 -7.24 -0.83 -38.89
N ALA A 788 -8.11 -1.01 -39.89
CA ALA A 788 -8.60 -2.34 -40.25
C ALA A 788 -7.51 -3.25 -40.81
N ASN A 789 -6.38 -2.67 -41.19
CA ASN A 789 -5.25 -3.45 -41.69
C ASN A 789 -4.31 -3.93 -40.59
N ALA A 790 -4.58 -3.51 -39.36
CA ALA A 790 -3.71 -3.85 -38.24
C ALA A 790 -4.27 -5.02 -37.46
N SER A 791 -3.36 -5.79 -36.88
CA SER A 791 -3.71 -6.87 -35.99
C SER A 791 -4.53 -6.33 -34.82
N GLY A 792 -5.72 -6.90 -34.62
CA GLY A 792 -6.61 -6.45 -33.57
C GLY A 792 -7.33 -5.16 -33.92
N GLY A 793 -7.11 -4.68 -35.14
CA GLY A 793 -7.76 -3.47 -35.62
C GLY A 793 -7.21 -2.22 -34.98
N LYS A 794 -6.09 -2.34 -34.28
CA LYS A 794 -5.48 -1.20 -33.61
C LYS A 794 -3.96 -1.22 -33.75
N LYS A 795 -3.38 -0.03 -33.86
CA LYS A 795 -1.93 0.10 -33.87
C LYS A 795 -1.52 1.14 -32.81
N LEU A 796 -0.27 1.10 -32.38
CA LEU A 796 0.22 2.04 -31.37
C LEU A 796 1.17 3.05 -32.01
N GLY A 797 0.76 4.31 -32.02
CA GLY A 797 1.56 5.37 -32.63
C GLY A 797 2.47 5.99 -31.61
N PHE A 798 3.77 5.74 -31.75
CA PHE A 798 4.76 6.39 -30.91
C PHE A 798 4.75 7.86 -31.29
N ASN A 799 5.07 8.72 -30.34
CA ASN A 799 5.17 10.16 -30.61
C ASN A 799 6.57 10.68 -30.36
N ASN A 800 7.53 9.76 -30.37
CA ASN A 800 8.93 10.04 -30.08
C ASN A 800 9.49 11.22 -30.86
N ASN A 801 10.09 12.17 -30.14
CA ASN A 801 10.59 13.44 -30.65
C ASN A 801 11.99 13.37 -31.21
N ALA A 802 12.83 12.58 -30.55
CA ALA A 802 14.27 12.69 -30.76
C ALA A 802 14.99 11.38 -30.45
N VAL A 803 16.28 11.36 -30.75
CA VAL A 803 17.12 10.19 -30.49
C VAL A 803 17.11 9.88 -28.99
N ASP A 804 17.16 8.58 -28.68
CA ASP A 804 17.15 8.07 -27.31
C ASP A 804 15.77 8.07 -26.62
N ASP A 805 14.77 8.60 -27.30
CA ASP A 805 13.39 8.43 -26.86
C ASP A 805 13.03 6.96 -26.93
N TYR A 806 12.27 6.48 -25.96
CA TYR A 806 11.90 5.07 -25.94
C TYR A 806 10.52 4.84 -25.36
N VAL A 807 9.99 3.64 -25.60
CA VAL A 807 8.81 3.14 -24.93
C VAL A 807 9.12 1.70 -24.52
N GLU A 808 8.91 1.39 -23.25
CA GLU A 808 9.28 0.09 -22.73
C GLU A 808 8.01 -0.66 -22.30
N PHE A 809 7.80 -1.84 -22.87
CA PHE A 809 6.60 -2.62 -22.59
C PHE A 809 6.89 -3.80 -21.68
N SER A 810 5.86 -4.35 -21.06
CA SER A 810 6.02 -5.58 -20.30
C SER A 810 5.22 -6.70 -20.95
N LEU A 811 5.91 -7.76 -21.33
CA LEU A 811 5.30 -8.90 -22.00
C LEU A 811 5.42 -10.13 -21.11
N ASP A 812 4.34 -10.90 -21.02
CA ASP A 812 4.36 -12.16 -20.29
C ASP A 812 4.85 -13.30 -21.20
N VAL A 813 6.10 -13.71 -21.03
CA VAL A 813 6.64 -14.83 -21.79
C VAL A 813 6.36 -16.12 -21.02
N THR A 814 5.31 -16.83 -21.44
CA THR A 814 4.74 -17.92 -20.65
C THR A 814 5.46 -19.26 -20.78
N GLN A 815 6.36 -19.36 -21.74
CA GLN A 815 7.14 -20.58 -21.95
C GLN A 815 8.60 -20.23 -22.14
N PRO A 816 9.47 -20.76 -21.25
CA PRO A 816 10.90 -20.51 -21.40
C PRO A 816 11.40 -21.05 -22.73
N GLY A 817 12.34 -20.34 -23.35
CA GLY A 817 12.95 -20.79 -24.58
C GLY A 817 13.74 -19.68 -25.23
N THR A 818 14.37 -19.98 -26.35
CA THR A 818 15.03 -18.95 -27.16
C THR A 818 14.13 -18.60 -28.34
N TYR A 819 13.64 -17.37 -28.35
CA TYR A 819 12.70 -16.95 -29.38
C TYR A 819 13.29 -15.86 -30.28
N ASP A 820 12.95 -15.96 -31.56
CA ASP A 820 13.24 -14.90 -32.51
C ASP A 820 12.16 -13.83 -32.31
N VAL A 821 12.58 -12.59 -32.06
CA VAL A 821 11.62 -11.53 -31.76
C VAL A 821 11.24 -10.71 -32.99
N LYS A 822 9.97 -10.77 -33.35
CA LYS A 822 9.45 -10.04 -34.51
C LYS A 822 8.44 -8.97 -34.10
N SER A 823 8.35 -7.92 -34.90
CA SER A 823 7.33 -6.91 -34.67
C SER A 823 6.64 -6.54 -35.98
N ARG A 824 5.34 -6.33 -35.93
CA ARG A 824 4.58 -5.93 -37.11
C ARG A 824 4.39 -4.43 -37.07
N ILE A 825 4.88 -3.75 -38.10
CA ILE A 825 4.89 -2.30 -38.16
C ILE A 825 3.97 -1.82 -39.29
N MET A 826 3.08 -0.88 -38.98
CA MET A 826 2.25 -0.27 -40.01
C MET A 826 3.02 0.84 -40.72
N LYS A 827 2.75 1.02 -42.01
CA LYS A 827 3.41 2.07 -42.77
C LYS A 827 2.97 3.44 -42.27
N SER A 828 3.93 4.34 -42.13
CA SER A 828 3.66 5.70 -41.71
C SER A 828 4.74 6.58 -42.31
N THR A 829 4.34 7.74 -42.83
CA THR A 829 5.31 8.65 -43.44
C THR A 829 6.24 9.22 -42.36
N ASN A 830 5.86 9.02 -41.11
CA ASN A 830 6.68 9.38 -39.95
C ASN A 830 7.13 8.12 -39.24
N SER A 831 8.25 7.55 -39.69
CA SER A 831 8.81 6.33 -39.10
C SER A 831 10.30 6.46 -38.86
N GLY A 832 10.71 6.41 -37.60
CA GLY A 832 12.12 6.53 -37.25
C GLY A 832 12.89 5.23 -37.41
N ILE A 833 14.05 5.16 -36.77
CA ILE A 833 14.87 3.96 -36.72
C ILE A 833 14.95 3.48 -35.28
N TYR A 834 14.54 2.24 -35.04
CA TYR A 834 14.44 1.75 -33.67
C TYR A 834 15.41 0.62 -33.33
N GLN A 835 15.81 0.57 -32.06
CA GLN A 835 16.64 -0.50 -31.54
C GLN A 835 15.90 -1.20 -30.41
N LEU A 836 15.68 -2.50 -30.54
CA LEU A 836 15.02 -3.28 -29.50
C LEU A 836 16.02 -3.75 -28.44
N SER A 837 15.63 -3.63 -27.18
CA SER A 837 16.39 -4.22 -26.10
C SER A 837 15.43 -5.02 -25.23
N ILE A 838 15.93 -6.06 -24.58
CA ILE A 838 15.13 -6.82 -23.63
C ILE A 838 15.91 -6.88 -22.34
N ASN A 839 15.29 -6.45 -21.25
CA ASN A 839 15.92 -6.49 -19.94
C ASN A 839 17.29 -5.81 -19.89
N GLY A 840 17.48 -4.78 -20.72
CA GLY A 840 18.72 -4.02 -20.72
C GLY A 840 19.75 -4.47 -21.74
N THR A 841 19.43 -5.56 -22.44
CA THR A 841 20.31 -6.11 -23.46
C THR A 841 19.73 -5.81 -24.84
N ASN A 842 20.48 -5.12 -25.69
CA ASN A 842 20.01 -4.90 -27.06
C ASN A 842 19.84 -6.24 -27.77
N VAL A 843 18.86 -6.33 -28.65
CA VAL A 843 18.66 -7.52 -29.45
C VAL A 843 18.72 -7.14 -30.92
N GLY A 844 19.68 -7.70 -31.64
CA GLY A 844 19.87 -7.40 -33.04
C GLY A 844 20.40 -6.00 -33.28
N SER A 845 20.42 -5.58 -34.55
CA SER A 845 20.83 -4.23 -34.91
C SER A 845 19.61 -3.32 -34.96
N ALA A 846 19.82 -2.02 -35.16
CA ALA A 846 18.71 -1.10 -35.25
C ALA A 846 18.00 -1.26 -36.59
N GLN A 847 16.68 -1.06 -36.60
CA GLN A 847 15.91 -1.27 -37.80
C GLN A 847 15.31 0.03 -38.28
N ASP A 848 15.62 0.41 -39.51
CA ASP A 848 14.99 1.58 -40.10
C ASP A 848 13.58 1.19 -40.54
N MET A 849 12.60 1.70 -39.79
CA MET A 849 11.20 1.35 -39.95
C MET A 849 10.49 2.19 -41.01
N PHE A 850 11.24 2.98 -41.76
CA PHE A 850 10.64 3.77 -42.83
C PHE A 850 10.64 3.06 -44.19
N TRP A 851 9.57 3.25 -44.95
CA TRP A 851 9.53 2.84 -46.36
C TRP A 851 8.47 3.57 -47.19
N THR A 852 8.69 3.59 -48.50
CA THR A 852 7.85 4.34 -49.44
C THR A 852 7.08 3.40 -50.36
N THR A 853 7.53 2.15 -50.44
CA THR A 853 6.92 1.16 -51.30
C THR A 853 5.43 0.91 -50.95
N SER A 854 4.78 0.08 -51.76
CA SER A 854 3.32 -0.04 -51.74
C SER A 854 2.71 -0.58 -50.44
N GLU A 855 3.36 -1.59 -49.84
CA GLU A 855 2.74 -2.35 -48.75
C GLU A 855 2.44 -1.55 -47.47
N LEU A 856 1.32 -1.89 -46.86
CA LEU A 856 0.80 -1.18 -45.70
C LEU A 856 1.45 -1.58 -44.38
N SER A 857 2.14 -2.71 -44.40
CA SER A 857 2.79 -3.23 -43.21
C SER A 857 3.88 -4.21 -43.57
N LYS A 858 4.85 -4.37 -42.67
CA LYS A 858 5.91 -5.36 -42.86
C LYS A 858 6.21 -6.04 -41.52
N GLU A 859 6.73 -7.25 -41.58
CA GLU A 859 7.13 -7.97 -40.38
C GLU A 859 8.63 -7.85 -40.21
N PHE A 860 9.07 -7.09 -39.21
CA PHE A 860 10.48 -6.93 -38.94
C PHE A 860 10.98 -8.01 -38.00
N THR A 861 12.09 -8.65 -38.36
CA THR A 861 12.76 -9.56 -37.46
C THR A 861 13.84 -8.79 -36.70
N MET A 862 13.59 -8.54 -35.42
CA MET A 862 14.50 -7.73 -34.62
C MET A 862 15.74 -8.53 -34.27
N GLY A 863 15.53 -9.79 -33.89
CA GLY A 863 16.65 -10.63 -33.51
C GLY A 863 16.24 -11.68 -32.49
N SER A 864 17.21 -12.43 -32.01
CA SER A 864 16.95 -13.55 -31.13
C SER A 864 17.36 -13.27 -29.68
N TYR A 865 16.65 -13.89 -28.74
CA TYR A 865 16.87 -13.69 -27.32
C TYR A 865 16.52 -14.94 -26.53
N SER A 866 17.30 -15.22 -25.49
CA SER A 866 17.05 -16.40 -24.68
C SER A 866 16.35 -16.06 -23.37
N PHE A 867 15.12 -16.57 -23.23
CA PHE A 867 14.32 -16.37 -22.03
C PHE A 867 14.43 -17.63 -21.19
N THR A 868 15.27 -17.56 -20.17
CA THR A 868 15.66 -18.74 -19.38
C THR A 868 14.53 -19.22 -18.50
N SER A 869 13.74 -18.28 -18.01
N SER A 869 13.75 -18.27 -18.00
CA SER A 869 12.63 -18.57 -17.11
CA SER A 869 12.63 -18.57 -17.11
C SER A 869 11.36 -17.90 -17.61
C SER A 869 11.35 -17.92 -17.66
N PRO A 870 10.19 -18.49 -17.30
CA PRO A 870 8.93 -17.89 -17.74
C PRO A 870 8.58 -16.75 -16.81
N GLY A 871 8.06 -15.66 -17.37
CA GLY A 871 7.66 -14.52 -16.58
C GLY A 871 7.64 -13.27 -17.43
N SER A 872 7.63 -12.12 -16.77
CA SER A 872 7.58 -10.85 -17.48
C SER A 872 8.96 -10.43 -17.97
N TYR A 873 8.99 -9.82 -19.15
CA TYR A 873 10.23 -9.28 -19.71
C TYR A 873 9.96 -7.88 -20.26
N LEU A 874 10.93 -7.00 -20.13
CA LEU A 874 10.76 -5.64 -20.62
C LEU A 874 11.32 -5.49 -22.03
N PHE A 875 10.42 -5.26 -22.98
CA PHE A 875 10.78 -5.02 -24.38
C PHE A 875 10.81 -3.52 -24.61
N ARG A 876 11.99 -2.97 -24.82
CA ARG A 876 12.14 -1.53 -25.05
C ARG A 876 12.49 -1.21 -26.50
N LEU A 877 11.77 -0.27 -27.09
CA LEU A 877 12.08 0.21 -28.44
C LEU A 877 12.58 1.65 -28.39
N LYS A 878 13.84 1.83 -28.73
CA LYS A 878 14.51 3.11 -28.59
C LYS A 878 14.78 3.76 -29.95
N THR A 879 14.36 5.03 -30.08
CA THR A 879 14.66 5.80 -31.26
C THR A 879 16.17 6.03 -31.35
N THR A 880 16.77 5.66 -32.48
CA THR A 880 18.22 5.80 -32.65
C THR A 880 18.55 6.72 -33.81
N GLY A 881 17.54 7.13 -34.56
CA GLY A 881 17.75 7.98 -35.72
C GLY A 881 16.54 8.02 -36.62
N LYS A 882 16.74 8.43 -37.87
CA LYS A 882 15.62 8.52 -38.82
C LYS A 882 16.07 8.54 -40.27
N ASN A 883 15.25 7.94 -41.13
CA ASN A 883 15.45 8.05 -42.56
C ASN A 883 15.22 9.48 -43.01
N VAL A 884 16.05 9.95 -43.93
CA VAL A 884 15.96 11.32 -44.42
C VAL A 884 14.59 11.65 -45.02
N SER A 885 13.89 10.62 -45.47
CA SER A 885 12.58 10.82 -46.09
C SER A 885 11.43 10.72 -45.08
N SER A 886 11.78 10.55 -43.80
CA SER A 886 10.76 10.46 -42.76
C SER A 886 10.39 11.83 -42.18
N SER A 887 9.11 12.00 -41.83
CA SER A 887 8.60 13.22 -41.19
C SER A 887 9.34 13.49 -39.89
N GLY A 888 9.66 12.41 -39.18
CA GLY A 888 10.29 12.51 -37.87
C GLY A 888 10.71 11.16 -37.33
N TYR A 889 10.51 10.96 -36.05
CA TYR A 889 11.04 9.77 -35.37
C TYR A 889 9.96 8.84 -34.86
N LYS A 890 8.71 9.07 -35.28
CA LYS A 890 7.60 8.28 -34.75
C LYS A 890 7.56 6.85 -35.28
N LEU A 891 6.48 6.15 -34.98
CA LEU A 891 6.36 4.75 -35.34
C LEU A 891 4.94 4.28 -35.14
N MET A 892 4.48 3.39 -36.02
CA MET A 892 3.18 2.76 -35.86
C MET A 892 3.35 1.28 -35.54
N LEU A 893 3.44 0.96 -34.24
CA LEU A 893 3.66 -0.41 -33.78
C LEU A 893 2.35 -1.20 -33.68
N ASP A 894 2.29 -2.34 -34.37
CA ASP A 894 1.06 -3.15 -34.35
C ASP A 894 1.15 -4.22 -33.26
N ASN A 895 2.22 -5.02 -33.30
CA ASN A 895 2.38 -6.08 -32.31
C ASN A 895 3.80 -6.65 -32.24
N PHE A 896 3.99 -7.60 -31.33
CA PHE A 896 5.19 -8.42 -31.28
C PHE A 896 4.77 -9.86 -31.47
N SER A 897 5.67 -10.67 -32.03
CA SER A 897 5.52 -12.11 -32.04
C SER A 897 6.82 -12.71 -31.55
N LEU A 898 6.74 -13.77 -30.76
CA LEU A 898 7.94 -14.54 -30.43
C LEU A 898 7.82 -15.89 -31.12
N VAL A 899 8.77 -16.15 -32.03
CA VAL A 899 8.77 -17.36 -32.83
C VAL A 899 9.87 -18.29 -32.34
N SER A 900 9.61 -19.60 -32.30
CA SER A 900 10.62 -20.54 -31.82
C SER A 900 11.77 -20.67 -32.83
N THR A 901 12.91 -21.14 -32.35
CA THR A 901 14.09 -21.26 -33.20
C THR A 901 14.61 -22.69 -33.13
N GLY A 902 15.57 -23.01 -33.98
CA GLY A 902 16.19 -24.33 -33.98
C GLY A 902 16.74 -24.76 -32.63
N ILE A 903 17.27 -23.80 -31.87
CA ILE A 903 17.83 -24.05 -30.54
C ILE A 903 16.86 -24.89 -29.67
N ASP A 904 15.57 -24.61 -29.81
CA ASP A 904 14.55 -25.26 -28.98
C ASP A 904 14.08 -26.58 -29.55
N THR A 905 14.02 -26.66 -30.89
CA THR A 905 13.29 -27.76 -31.54
C THR A 905 14.16 -28.82 -32.20
N THR A 906 15.30 -28.43 -32.75
CA THR A 906 16.22 -29.38 -33.38
C THR A 906 16.66 -30.47 -32.39
N VAL A 907 16.58 -31.73 -32.81
CA VAL A 907 16.98 -32.86 -31.96
C VAL A 907 18.03 -33.73 -32.64
N ILE A 908 19.10 -34.07 -31.92
CA ILE A 908 20.12 -34.97 -32.45
C ILE A 908 20.24 -36.23 -31.60
N VAL A 909 20.28 -37.39 -32.25
CA VAL A 909 20.48 -38.65 -31.54
C VAL A 909 21.72 -39.36 -32.06
N ASP A 910 22.69 -39.59 -31.17
CA ASP A 910 23.92 -40.29 -31.53
C ASP A 910 23.78 -41.75 -31.10
N ASN A 911 24.65 -42.62 -31.60
CA ASN A 911 24.56 -44.04 -31.24
C ASN A 911 24.88 -44.28 -29.78
N ALA A 912 25.59 -43.33 -29.17
CA ALA A 912 25.87 -43.35 -27.74
C ALA A 912 26.32 -41.97 -27.29
N ASP A 913 25.47 -41.17 -26.64
CA ASP A 913 24.04 -41.37 -26.32
C ASP A 913 23.57 -42.50 -25.41
N ALA A 914 22.95 -42.08 -24.30
CA ALA A 914 22.52 -42.98 -23.25
C ALA A 914 21.02 -43.16 -23.30
N ALA A 915 20.36 -42.22 -23.96
CA ALA A 915 18.90 -42.28 -24.14
C ALA A 915 18.51 -42.07 -25.60
N GLY A 916 17.58 -42.90 -26.06
CA GLY A 916 17.04 -42.77 -27.40
C GLY A 916 17.50 -43.87 -28.34
N VAL A 917 18.51 -44.61 -27.94
CA VAL A 917 18.99 -45.70 -28.77
C VAL A 917 18.68 -47.06 -28.15
N THR A 918 18.03 -47.92 -28.94
CA THR A 918 17.82 -49.29 -28.56
C THR A 918 18.29 -50.15 -29.72
N LYS A 919 19.23 -51.06 -29.45
CA LYS A 919 19.78 -51.91 -30.50
C LYS A 919 19.16 -53.30 -30.50
N VAL A 920 19.35 -54.02 -31.59
CA VAL A 920 19.02 -55.43 -31.67
C VAL A 920 20.18 -56.11 -32.40
N GLY A 921 20.73 -57.16 -31.79
CA GLY A 921 21.91 -57.80 -32.32
C GLY A 921 23.22 -57.15 -31.88
N THR A 922 24.33 -57.72 -32.33
CA THR A 922 25.64 -57.30 -31.88
C THR A 922 26.29 -56.31 -32.84
N TRP A 923 26.47 -55.07 -32.37
CA TRP A 923 27.08 -54.02 -33.18
C TRP A 923 28.46 -53.63 -32.63
N THR A 924 29.38 -53.28 -33.51
CA THR A 924 30.78 -53.03 -33.15
C THR A 924 31.21 -51.58 -33.45
N GLY A 925 31.76 -50.91 -32.44
CA GLY A 925 32.16 -49.51 -32.58
C GLY A 925 33.62 -49.26 -32.89
N THR A 926 33.93 -48.12 -33.51
CA THR A 926 35.33 -47.78 -33.83
C THR A 926 35.54 -46.28 -34.11
N ASN A 927 36.81 -45.87 -34.19
CA ASN A 927 37.20 -44.47 -34.36
C ASN A 927 37.96 -44.24 -35.64
N THR A 928 37.83 -45.16 -36.59
CA THR A 928 38.84 -45.27 -37.63
C THR A 928 38.65 -44.43 -38.90
N GLN A 929 37.49 -43.79 -39.05
CA GLN A 929 37.22 -43.05 -40.28
C GLN A 929 37.18 -41.51 -40.12
N THR A 930 36.75 -41.04 -38.94
CA THR A 930 36.41 -39.62 -38.70
C THR A 930 35.37 -39.08 -39.69
N ASP A 931 34.44 -39.96 -40.08
CA ASP A 931 33.30 -39.57 -40.89
C ASP A 931 32.19 -39.13 -39.96
N ARG A 932 32.60 -38.76 -38.75
N ARG A 932 32.59 -38.79 -38.74
CA ARG A 932 31.91 -37.80 -37.88
CA ARG A 932 31.91 -37.83 -37.88
C ARG A 932 30.82 -38.31 -36.95
C ARG A 932 30.79 -38.33 -36.97
N TYR A 933 30.00 -37.36 -36.53
CA TYR A 933 29.16 -37.43 -35.34
C TYR A 933 29.53 -38.28 -34.13
N GLY A 934 29.97 -37.55 -33.09
CA GLY A 934 30.44 -38.13 -31.85
C GLY A 934 31.88 -38.59 -31.96
N ALA A 935 32.32 -39.39 -31.01
CA ALA A 935 33.62 -40.02 -31.09
C ALA A 935 33.55 -41.13 -32.14
N ASP A 936 32.60 -42.03 -31.94
CA ASP A 936 32.56 -43.30 -32.65
C ASP A 936 31.33 -43.45 -33.54
N TYR A 937 31.24 -44.61 -34.20
CA TYR A 937 30.03 -45.08 -34.85
C TYR A 937 29.99 -46.60 -34.67
N ILE A 938 28.90 -47.25 -35.05
CA ILE A 938 28.82 -48.69 -34.92
C ILE A 938 28.53 -49.39 -36.25
N HIS A 939 28.83 -50.69 -36.34
CA HIS A 939 28.58 -51.46 -37.55
C HIS A 939 28.21 -52.92 -37.26
N ASP A 940 27.54 -53.55 -38.22
CA ASP A 940 27.00 -54.91 -38.03
C ASP A 940 28.02 -56.01 -38.36
N GLY A 941 29.19 -55.60 -38.84
CA GLY A 941 30.25 -56.53 -39.15
C GLY A 941 29.94 -57.39 -40.36
N ASN A 942 29.15 -56.83 -41.29
CA ASN A 942 28.71 -57.51 -42.50
C ASN A 942 28.22 -58.94 -42.25
N THR A 943 27.53 -59.15 -41.15
CA THR A 943 27.03 -60.48 -40.84
C THR A 943 25.77 -60.42 -39.96
N GLY A 944 25.03 -61.53 -39.94
CA GLY A 944 23.76 -61.59 -39.26
C GLY A 944 22.71 -60.73 -39.94
N LYS A 945 22.60 -60.87 -41.26
CA LYS A 945 21.70 -60.04 -42.06
C LYS A 945 20.23 -60.24 -41.74
N GLY A 946 19.48 -59.15 -41.68
CA GLY A 946 18.05 -59.21 -41.42
C GLY A 946 17.71 -59.53 -39.98
N THR A 947 18.71 -59.53 -39.11
CA THR A 947 18.54 -59.87 -37.70
C THR A 947 18.79 -58.65 -36.85
N LYS A 948 19.65 -57.77 -37.35
CA LYS A 948 20.12 -56.62 -36.59
C LYS A 948 19.29 -55.36 -36.87
N SER A 949 19.31 -54.42 -35.91
CA SER A 949 18.66 -53.13 -36.06
C SER A 949 19.12 -52.10 -35.01
N VAL A 950 19.17 -50.83 -35.42
CA VAL A 950 19.45 -49.73 -34.51
C VAL A 950 18.33 -48.70 -34.63
N THR A 951 17.61 -48.45 -33.53
CA THR A 951 16.44 -47.56 -33.56
C THR A 951 16.65 -46.23 -32.81
N PHE A 952 16.79 -45.14 -33.56
CA PHE A 952 16.89 -43.81 -32.97
C PHE A 952 15.51 -43.23 -32.65
N THR A 953 15.18 -43.13 -31.37
CA THR A 953 13.92 -42.50 -30.97
C THR A 953 14.15 -41.12 -30.36
N PRO A 954 13.92 -40.06 -31.16
CA PRO A 954 14.11 -38.68 -30.68
C PRO A 954 12.96 -38.22 -29.80
N ASN A 955 13.23 -37.23 -28.96
CA ASN A 955 12.20 -36.59 -28.15
C ASN A 955 11.76 -35.30 -28.84
N VAL A 956 10.63 -35.36 -29.53
CA VAL A 956 10.17 -34.22 -30.31
C VAL A 956 9.53 -33.19 -29.38
N PRO A 957 10.10 -31.98 -29.34
CA PRO A 957 9.67 -30.92 -28.43
C PRO A 957 8.26 -30.43 -28.73
N ILE A 958 8.01 -30.12 -30.00
CA ILE A 958 6.74 -29.56 -30.45
C ILE A 958 6.23 -30.38 -31.62
N SER A 959 4.94 -30.71 -31.60
CA SER A 959 4.32 -31.32 -32.77
C SER A 959 4.52 -30.43 -33.99
N GLY A 960 4.77 -31.04 -35.14
CA GLY A 960 4.98 -30.26 -36.35
C GLY A 960 5.71 -31.01 -37.45
N THR A 961 6.20 -30.27 -38.42
CA THR A 961 6.90 -30.87 -39.55
C THR A 961 8.40 -30.81 -39.36
N TYR A 962 9.06 -31.96 -39.54
CA TYR A 962 10.49 -32.06 -39.29
C TYR A 962 11.25 -32.74 -40.43
N GLN A 963 12.29 -32.07 -40.92
CA GLN A 963 13.25 -32.69 -41.82
C GLN A 963 14.10 -33.72 -41.09
N VAL A 964 14.19 -34.91 -41.66
CA VAL A 964 14.95 -36.00 -41.05
C VAL A 964 16.30 -36.21 -41.75
N TYR A 965 17.39 -35.90 -41.04
CA TYR A 965 18.74 -36.10 -41.57
C TYR A 965 19.44 -37.29 -40.94
N MET A 966 20.44 -37.83 -41.64
CA MET A 966 21.27 -38.89 -41.10
C MET A 966 22.72 -38.77 -41.57
N MET A 967 23.65 -39.07 -40.68
CA MET A 967 25.06 -39.06 -41.00
C MET A 967 25.62 -40.45 -40.77
N TRP A 968 26.66 -40.80 -41.51
CA TRP A 968 27.30 -42.11 -41.34
C TRP A 968 28.75 -42.09 -41.81
N ALA A 969 29.45 -43.19 -41.55
CA ALA A 969 30.85 -43.35 -41.97
C ALA A 969 30.98 -44.06 -43.33
N ALA A 970 31.33 -43.31 -44.37
CA ALA A 970 31.36 -43.86 -45.73
C ALA A 970 32.70 -44.48 -46.08
N HIS A 971 32.68 -45.49 -46.95
CA HIS A 971 33.93 -46.07 -47.43
C HIS A 971 33.79 -46.75 -48.80
N THR A 972 34.03 -48.06 -48.84
CA THR A 972 33.85 -48.84 -50.06
C THR A 972 33.32 -50.22 -49.70
N ASN A 973 33.62 -50.65 -48.48
CA ASN A 973 33.13 -51.92 -47.98
C ASN A 973 31.73 -51.77 -47.39
N ARG A 974 31.11 -50.62 -47.61
CA ARG A 974 29.77 -50.37 -47.10
C ARG A 974 28.68 -50.94 -48.00
N ALA A 975 27.55 -51.29 -47.39
CA ALA A 975 26.36 -51.68 -48.14
C ALA A 975 25.82 -50.48 -48.93
N THR A 976 25.25 -50.75 -50.10
CA THR A 976 24.72 -49.70 -50.97
C THR A 976 23.21 -49.60 -50.84
N ASN A 977 22.64 -50.54 -50.11
CA ASN A 977 21.18 -50.66 -50.02
C ASN A 977 20.70 -50.79 -48.58
N VAL A 978 21.18 -49.90 -47.71
CA VAL A 978 20.78 -49.95 -46.31
C VAL A 978 19.34 -49.47 -46.15
N PRO A 979 18.45 -50.36 -45.68
CA PRO A 979 17.04 -49.99 -45.47
C PRO A 979 16.87 -49.17 -44.19
N VAL A 980 16.22 -48.02 -44.31
CA VAL A 980 15.97 -47.15 -43.17
C VAL A 980 14.49 -46.85 -43.02
N ASP A 981 13.92 -47.14 -41.85
CA ASP A 981 12.53 -46.80 -41.57
C ASP A 981 12.43 -45.48 -40.85
N VAL A 982 11.43 -44.69 -41.22
CA VAL A 982 11.10 -43.49 -40.47
C VAL A 982 9.64 -43.58 -40.05
N THR A 983 9.41 -43.87 -38.78
CA THR A 983 8.04 -43.92 -38.26
C THR A 983 7.66 -42.55 -37.73
N HIS A 984 6.68 -41.93 -38.36
CA HIS A 984 6.26 -40.59 -38.00
C HIS A 984 4.76 -40.56 -37.71
N SER A 985 4.21 -39.36 -37.57
CA SER A 985 2.78 -39.21 -37.39
C SER A 985 2.06 -39.50 -38.71
N GLY A 986 1.23 -40.52 -38.70
CA GLY A 986 0.45 -40.86 -39.89
C GLY A 986 0.86 -42.16 -40.54
N GLY A 987 2.05 -42.64 -40.18
CA GLY A 987 2.54 -43.90 -40.73
C GLY A 987 4.05 -44.01 -40.76
N THR A 988 4.55 -45.00 -41.49
CA THR A 988 5.98 -45.28 -41.58
C THR A 988 6.45 -45.21 -43.03
N ALA A 989 7.61 -44.60 -43.25
CA ALA A 989 8.25 -44.58 -44.56
C ALA A 989 9.49 -45.47 -44.57
N THR A 990 9.82 -46.01 -45.73
CA THR A 990 11.04 -46.78 -45.91
C THR A 990 11.81 -46.32 -47.14
N LEU A 991 13.12 -46.15 -46.99
CA LEU A 991 13.98 -45.89 -48.13
C LEU A 991 15.29 -46.63 -47.94
N ASN A 992 16.05 -46.77 -49.02
CA ASN A 992 17.40 -47.34 -48.93
C ASN A 992 18.43 -46.22 -49.02
N VAL A 993 19.50 -46.32 -48.24
CA VAL A 993 20.61 -45.38 -48.34
C VAL A 993 21.91 -46.06 -48.78
N ASN A 994 22.68 -45.37 -49.61
CA ASN A 994 23.96 -45.89 -50.09
C ASN A 994 25.13 -45.39 -49.26
N GLN A 995 25.55 -46.23 -48.30
CA GLN A 995 26.52 -45.83 -47.28
C GLN A 995 27.98 -45.89 -47.72
N GLN A 996 28.25 -46.23 -48.96
CA GLN A 996 29.61 -46.11 -49.46
C GLN A 996 29.79 -44.77 -50.17
N GLY A 997 29.21 -43.74 -49.56
CA GLY A 997 29.22 -42.39 -50.11
C GLY A 997 28.46 -41.43 -49.21
N ASN A 998 28.70 -40.13 -49.40
CA ASN A 998 28.07 -39.09 -48.60
C ASN A 998 28.22 -39.27 -47.08
N GLY A 999 29.42 -39.63 -46.65
CA GLY A 999 29.69 -39.76 -45.23
C GLY A 999 30.15 -38.44 -44.65
N GLY A 1000 29.95 -38.27 -43.34
CA GLY A 1000 30.39 -37.07 -42.65
C GLY A 1000 29.42 -35.91 -42.74
N VAL A 1001 28.48 -35.99 -43.68
CA VAL A 1001 27.50 -34.93 -43.87
C VAL A 1001 26.11 -35.36 -43.39
N TRP A 1002 25.24 -34.37 -43.17
CA TRP A 1002 23.85 -34.64 -42.84
C TRP A 1002 23.06 -34.93 -44.11
N ASN A 1003 22.57 -36.15 -44.22
CA ASN A 1003 21.84 -36.55 -45.42
C ASN A 1003 20.35 -36.49 -45.21
N LEU A 1004 19.67 -35.69 -46.02
CA LEU A 1004 18.23 -35.55 -45.89
C LEU A 1004 17.51 -36.82 -46.35
N LEU A 1005 16.84 -37.49 -45.42
CA LEU A 1005 16.07 -38.70 -45.71
C LEU A 1005 14.66 -38.37 -46.17
N GLY A 1006 14.04 -37.43 -45.48
CA GLY A 1006 12.68 -37.02 -45.81
C GLY A 1006 12.14 -35.95 -44.88
N THR A 1007 10.89 -35.57 -45.12
CA THR A 1007 10.25 -34.55 -44.29
C THR A 1007 8.85 -35.03 -43.92
N TYR A 1008 8.59 -35.14 -42.61
CA TYR A 1008 7.37 -35.78 -42.12
C TYR A 1008 6.75 -35.02 -40.95
N SER A 1009 5.50 -35.33 -40.64
CA SER A 1009 4.85 -34.78 -39.46
C SER A 1009 5.12 -35.66 -38.26
N PHE A 1010 5.57 -35.05 -37.17
CA PHE A 1010 5.77 -35.80 -35.94
C PHE A 1010 4.92 -35.20 -34.82
N ASN A 1011 4.49 -36.04 -33.91
CA ASN A 1011 3.85 -35.57 -32.68
C ASN A 1011 4.92 -35.31 -31.64
N ALA A 1012 4.65 -34.38 -30.74
CA ALA A 1012 5.52 -34.16 -29.60
C ALA A 1012 5.56 -35.45 -28.78
N GLY A 1013 6.74 -35.87 -28.37
CA GLY A 1013 6.88 -37.09 -27.61
C GLY A 1013 7.87 -38.07 -28.23
N SER A 1014 7.67 -39.36 -27.97
CA SER A 1014 8.57 -40.40 -28.47
C SER A 1014 7.86 -41.50 -29.24
N THR A 1015 6.80 -41.13 -29.96
CA THR A 1015 6.04 -42.09 -30.76
C THR A 1015 6.60 -42.20 -32.19
N GLY A 1016 7.72 -41.53 -32.42
CA GLY A 1016 8.36 -41.58 -33.71
C GLY A 1016 9.72 -42.24 -33.59
N ALA A 1017 10.12 -42.95 -34.63
CA ALA A 1017 11.40 -43.65 -34.61
C ALA A 1017 12.07 -43.65 -35.98
N ILE A 1018 13.38 -43.81 -35.97
CA ILE A 1018 14.15 -43.91 -37.19
C ILE A 1018 15.05 -45.11 -37.05
N LYS A 1019 14.65 -46.22 -37.69
CA LYS A 1019 15.33 -47.50 -37.55
C LYS A 1019 16.22 -47.82 -38.75
N ILE A 1020 17.39 -48.41 -38.48
CA ILE A 1020 18.26 -48.91 -39.52
C ILE A 1020 18.24 -50.43 -39.46
N ARG A 1021 17.79 -51.06 -40.56
CA ARG A 1021 17.71 -52.51 -40.66
C ARG A 1021 18.87 -53.02 -41.51
N THR A 1022 19.09 -54.34 -41.50
CA THR A 1022 20.22 -54.92 -42.22
C THR A 1022 19.81 -55.95 -43.27
N ASP A 1023 18.50 -56.11 -43.47
CA ASP A 1023 17.95 -57.08 -44.41
C ASP A 1023 18.51 -56.91 -45.83
N ALA A 1024 19.06 -57.99 -46.38
CA ALA A 1024 19.51 -58.03 -47.77
C ALA A 1024 20.65 -57.06 -48.13
N THR A 1025 21.36 -56.56 -47.11
CA THR A 1025 22.43 -55.59 -47.35
C THR A 1025 23.67 -56.24 -47.96
N ASN A 1026 24.22 -55.58 -48.98
CA ASN A 1026 25.34 -56.12 -49.75
C ASN A 1026 26.73 -55.73 -49.22
N GLY A 1027 26.76 -55.18 -48.01
CA GLY A 1027 28.01 -54.77 -47.39
C GLY A 1027 27.82 -54.40 -45.93
N TYR A 1028 28.78 -53.65 -45.40
CA TYR A 1028 28.74 -53.24 -43.99
C TYR A 1028 27.64 -52.20 -43.74
N VAL A 1029 26.91 -52.39 -42.64
CA VAL A 1029 25.87 -51.43 -42.26
C VAL A 1029 26.32 -50.55 -41.08
N VAL A 1030 26.46 -49.26 -41.32
CA VAL A 1030 26.89 -48.31 -40.29
C VAL A 1030 25.70 -47.58 -39.66
N ALA A 1031 25.73 -47.43 -38.33
CA ALA A 1031 24.76 -46.61 -37.61
C ALA A 1031 25.49 -45.50 -36.85
N ASP A 1032 25.09 -44.25 -37.07
CA ASP A 1032 25.80 -43.11 -36.49
C ASP A 1032 24.86 -42.13 -35.78
N ALA A 1033 24.25 -41.21 -36.53
CA ALA A 1033 23.39 -40.19 -35.95
C ALA A 1033 22.26 -39.69 -36.87
N VAL A 1034 21.15 -39.32 -36.25
CA VAL A 1034 20.02 -38.67 -36.94
C VAL A 1034 19.77 -37.27 -36.37
N LYS A 1035 19.12 -36.42 -37.16
CA LYS A 1035 18.79 -35.07 -36.71
C LYS A 1035 17.47 -34.59 -37.30
N LEU A 1036 16.53 -34.26 -36.43
CA LEU A 1036 15.26 -33.69 -36.86
C LEU A 1036 15.36 -32.16 -36.79
N VAL A 1037 15.01 -31.51 -37.89
CA VAL A 1037 15.02 -30.06 -37.92
C VAL A 1037 13.64 -29.56 -38.27
N LYS A 1038 13.06 -28.74 -37.40
CA LYS A 1038 11.70 -28.27 -37.60
C LYS A 1038 11.58 -27.31 -38.79
N VAL A 1039 10.50 -27.47 -39.55
CA VAL A 1039 10.19 -26.58 -40.66
C VAL A 1039 8.72 -26.15 -40.60
N PRO A 1040 8.46 -24.85 -40.83
CA PRO A 1040 9.48 -23.79 -40.93
C PRO A 1040 10.07 -23.35 -39.58
#